data_7C4X
#
_entry.id   7C4X
#
_cell.length_a   156.617
_cell.length_b   156.617
_cell.length_c   95.497
_cell.angle_alpha   90.000
_cell.angle_beta   90.000
_cell.angle_gamma   120.000
#
_symmetry.space_group_name_H-M   'P 32 2 1'
#
loop_
_entity.id
_entity.type
_entity.pdbx_description
1 polymer 'germination protease'
2 water water
#
_entity_poly.entity_id   1
_entity_poly.type   'polypeptide(L)'
_entity_poly.pdbx_seq_one_letter_code
;HHHHHHSSGLVPRGSHMMSKIKFMRSDLIDEAKEVVQHRTEKEKDTLHETPGIKMKEDRNGRVHITHIDVDESGAESIGK
KKGTYITLTVPTLTVEDAQGFQELNQQLISSLKDIHQALMLTDQSKILVIGLGNRTITPDAIGPVAIDRFHEAIFSSPIE
FGQVVYYAPGVTGQTGLETGEFVRAISERVKPDLIIVIDALAARNQDRLCKSLQITNTGIHPGSGVGNSRNEISFESLGV
PVTAIGVPMVVDAPVLVVEAIETVFKVISSQIGETTKPSSALSVGPWLRSTDEPINVDAIKPIFGEWTAWSSEELHALLD
EVLPPRHQQLFVTPKESDAWVIMHADLIQTGILNWLQDDVFGSISP
;
_entity_poly.pdbx_strand_id   A,B
#
# COMPACT_ATOMS: atom_id res chain seq x y z
N HIS A 2 37.49 14.89 7.30
CA HIS A 2 38.21 14.19 6.22
C HIS A 2 37.32 14.07 4.97
N HIS A 3 36.64 12.93 4.84
CA HIS A 3 35.56 12.80 3.87
C HIS A 3 34.42 13.75 4.22
N HIS A 4 33.56 13.98 3.23
CA HIS A 4 32.47 14.94 3.40
C HIS A 4 31.17 14.29 3.81
N HIS A 5 30.99 13.01 3.49
CA HIS A 5 29.75 12.30 3.74
C HIS A 5 30.07 11.06 4.57
N HIS A 6 29.25 10.81 5.59
CA HIS A 6 29.58 9.74 6.54
C HIS A 6 29.48 8.36 5.90
N SER A 7 28.58 8.19 4.93
CA SER A 7 28.38 6.91 4.28
C SER A 7 29.48 6.55 3.33
N SER A 8 30.37 7.52 2.97
CA SER A 8 31.43 7.21 2.01
C SER A 8 32.29 6.06 2.51
N GLY A 9 32.58 5.14 1.61
CA GLY A 9 33.23 3.89 1.92
C GLY A 9 32.28 2.72 2.03
N LEU A 10 31.01 2.98 2.33
CA LEU A 10 30.02 1.91 2.46
C LEU A 10 28.92 2.03 1.41
N VAL A 11 28.24 3.16 1.33
CA VAL A 11 27.26 3.41 0.28
C VAL A 11 27.99 3.92 -0.96
N PRO A 12 27.76 3.34 -2.15
CA PRO A 12 28.33 3.91 -3.38
C PRO A 12 27.97 5.39 -3.55
N ARG A 13 28.96 6.18 -3.96
CA ARG A 13 28.70 7.60 -4.23
C ARG A 13 27.58 7.78 -5.26
N GLY A 14 27.50 6.88 -6.25
CA GLY A 14 26.45 6.99 -7.25
C GLY A 14 25.06 6.82 -6.66
N SER A 15 24.90 5.79 -5.82
CA SER A 15 23.61 5.54 -5.20
C SER A 15 23.20 6.67 -4.27
N HIS A 16 24.15 7.26 -3.57
CA HIS A 16 23.83 8.40 -2.73
C HIS A 16 23.29 9.55 -3.59
N MET A 17 23.98 9.87 -4.70
CA MET A 17 23.50 10.91 -5.61
C MET A 17 22.12 10.57 -6.19
N MET A 18 21.92 9.31 -6.61
CA MET A 18 20.57 8.92 -7.05
C MET A 18 19.52 9.23 -6.00
N SER A 19 19.82 8.98 -4.71
CA SER A 19 18.83 9.17 -3.66
C SER A 19 18.64 10.65 -3.35
N LYS A 20 19.74 11.43 -3.37
CA LYS A 20 19.59 12.89 -3.27
C LYS A 20 18.60 13.40 -4.31
N ILE A 21 18.66 12.89 -5.54
CA ILE A 21 17.75 13.36 -6.58
C ILE A 21 16.32 12.91 -6.28
N LYS A 22 16.12 11.62 -5.97
CA LYS A 22 14.79 11.14 -5.60
C LYS A 22 14.13 12.02 -4.53
N PHE A 23 14.92 12.50 -3.57
CA PHE A 23 14.34 13.24 -2.46
C PHE A 23 14.06 14.69 -2.82
N MET A 24 14.85 15.30 -3.72
CA MET A 24 14.52 16.63 -4.23
C MET A 24 13.24 16.62 -5.05
N ARG A 25 12.92 15.50 -5.68
CA ARG A 25 11.73 15.34 -6.49
C ARG A 25 10.59 14.61 -5.76
N SER A 26 10.55 14.72 -4.43
CA SER A 26 9.42 14.22 -3.66
C SER A 26 8.26 15.21 -3.77
N ASP A 27 7.04 14.66 -3.75
CA ASP A 27 5.86 15.39 -4.22
C ASP A 27 5.49 16.60 -3.35
N LEU A 28 5.72 16.53 -2.04
CA LEU A 28 5.30 17.62 -1.16
C LEU A 28 6.46 18.62 -1.01
N ILE A 29 6.27 19.82 -1.54
CA ILE A 29 7.34 20.81 -1.50
C ILE A 29 7.71 21.13 -0.07
N ASP A 30 6.75 21.07 0.86
CA ASP A 30 7.03 21.30 2.27
C ASP A 30 7.80 20.17 2.91
N GLU A 31 8.16 19.14 2.14
CA GLU A 31 9.02 18.08 2.62
C GLU A 31 10.43 18.18 2.05
N ALA A 32 10.66 19.11 1.13
CA ALA A 32 12.04 19.45 0.74
C ALA A 32 12.82 19.87 1.99
N LYS A 33 14.09 19.45 2.05
CA LYS A 33 14.91 19.78 3.22
C LYS A 33 15.09 21.29 3.36
N GLU A 34 15.25 22.00 2.23
CA GLU A 34 15.51 23.43 2.25
C GLU A 34 14.31 24.21 2.78
N VAL A 35 13.10 23.71 2.53
CA VAL A 35 11.88 24.37 2.97
C VAL A 35 11.64 24.19 4.47
N VAL A 36 12.03 23.04 5.03
CA VAL A 36 11.92 22.80 6.47
C VAL A 36 12.94 23.64 7.23
N GLN A 37 14.11 23.88 6.62
CA GLN A 37 15.11 24.75 7.23
C GLN A 37 14.69 26.21 7.15
N HIS A 38 14.10 26.62 6.02
CA HIS A 38 13.63 27.99 5.84
C HIS A 38 12.50 28.34 6.80
N ARG A 39 11.75 27.35 7.29
CA ARG A 39 10.70 27.62 8.26
C ARG A 39 11.28 27.81 9.66
N THR A 40 12.14 26.88 10.10
CA THR A 40 12.85 27.03 11.37
C THR A 40 13.62 28.35 11.41
N GLU A 41 14.25 28.72 10.29
CA GLU A 41 15.12 29.90 10.24
C GLU A 41 14.40 31.16 10.70
N LYS A 42 13.09 31.27 10.47
CA LYS A 42 12.34 32.45 10.91
C LYS A 42 12.23 32.46 12.44
N GLU A 43 13.32 32.86 13.10
CA GLU A 43 13.32 33.25 14.50
C GLU A 43 13.47 34.77 14.57
N LYS A 44 12.37 35.47 14.27
CA LYS A 44 12.40 36.90 13.94
C LYS A 44 13.27 37.15 12.71
N ASP A 45 13.18 36.24 11.73
CA ASP A 45 13.95 36.23 10.48
C ASP A 45 15.44 35.96 10.74
N THR A 46 15.98 34.93 10.07
CA THR A 46 17.41 34.61 10.09
C THR A 46 17.86 34.30 8.67
N LEU A 47 18.98 34.92 8.27
CA LEU A 47 19.64 34.83 6.96
C LEU A 47 18.85 34.21 5.80
N HIS A 48 18.34 32.98 5.95
CA HIS A 48 17.76 32.17 4.87
C HIS A 48 18.80 31.81 3.83
N GLU A 49 19.45 30.64 3.97
CA GLU A 49 20.45 30.24 2.98
C GLU A 49 19.81 29.85 1.64
N THR A 50 18.52 29.48 1.63
CA THR A 50 17.79 29.37 0.37
C THR A 50 17.06 30.68 0.14
N PRO A 51 17.55 31.53 -0.77
CA PRO A 51 17.00 32.89 -0.88
C PRO A 51 15.80 32.96 -1.80
N GLY A 52 15.67 31.97 -2.69
CA GLY A 52 14.62 31.96 -3.69
C GLY A 52 13.32 31.37 -3.21
N ILE A 53 13.04 31.53 -1.93
CA ILE A 53 11.89 30.91 -1.27
C ILE A 53 11.25 31.98 -0.40
N LYS A 54 10.07 32.45 -0.80
CA LYS A 54 9.23 33.26 0.07
C LYS A 54 8.15 32.35 0.64
N MET A 55 8.01 32.36 1.96
CA MET A 55 7.10 31.47 2.65
C MET A 55 6.14 32.26 3.50
N LYS A 56 4.88 32.33 3.09
CA LYS A 56 3.78 32.80 3.93
C LYS A 56 3.24 31.65 4.76
N GLU A 57 2.68 31.98 5.93
CA GLU A 57 2.11 30.98 6.84
C GLU A 57 0.90 31.60 7.54
N ASP A 58 -0.28 31.11 7.21
CA ASP A 58 -1.49 31.55 7.89
C ASP A 58 -2.14 30.36 8.60
N ARG A 59 -3.34 30.60 9.12
CA ARG A 59 -4.11 29.58 9.81
C ARG A 59 -5.52 30.10 10.01
N ASN A 60 -6.51 29.28 9.65
CA ASN A 60 -7.89 29.76 9.52
C ASN A 60 -8.76 28.61 10.01
N GLY A 61 -9.19 28.69 11.26
CA GLY A 61 -9.82 27.55 11.88
C GLY A 61 -8.78 26.47 12.10
N ARG A 62 -9.13 25.24 11.72
CA ARG A 62 -8.24 24.12 11.90
C ARG A 62 -7.29 23.93 10.72
N VAL A 63 -7.46 24.72 9.67
CA VAL A 63 -6.65 24.60 8.46
C VAL A 63 -5.40 25.44 8.62
N HIS A 64 -4.23 24.79 8.57
CA HIS A 64 -2.96 25.49 8.49
C HIS A 64 -2.58 25.67 7.03
N ILE A 65 -2.31 26.90 6.62
CA ILE A 65 -2.00 27.22 5.23
C ILE A 65 -0.53 27.56 5.11
N THR A 66 0.14 26.99 4.11
CA THR A 66 1.49 27.39 3.75
C THR A 66 1.53 27.81 2.29
N HIS A 67 1.85 29.08 2.06
CA HIS A 67 2.03 29.63 0.74
C HIS A 67 3.53 29.74 0.48
N ILE A 68 3.99 29.13 -0.61
CA ILE A 68 5.39 29.14 -0.97
C ILE A 68 5.51 29.62 -2.40
N ASP A 69 6.34 30.62 -2.64
CA ASP A 69 6.73 30.99 -3.99
C ASP A 69 8.18 30.60 -4.19
N VAL A 70 8.45 29.97 -5.34
CA VAL A 70 9.79 29.57 -5.71
C VAL A 70 10.14 30.37 -6.95
N ASP A 71 11.15 31.26 -6.83
CA ASP A 71 11.60 32.06 -7.96
C ASP A 71 12.59 31.24 -8.80
N GLU A 72 13.10 31.83 -9.87
CA GLU A 72 13.99 31.04 -10.73
C GLU A 72 15.30 30.68 -10.03
N SER A 73 15.81 31.52 -9.14
CA SER A 73 17.04 31.17 -8.42
C SER A 73 16.79 29.99 -7.48
N GLY A 74 15.75 30.08 -6.65
CA GLY A 74 15.46 28.99 -5.72
C GLY A 74 15.17 27.68 -6.41
N ALA A 75 14.62 27.73 -7.63
CA ALA A 75 14.30 26.50 -8.36
C ALA A 75 15.58 25.75 -8.76
N GLU A 76 16.59 26.46 -9.24
CA GLU A 76 17.87 25.83 -9.51
C GLU A 76 18.52 25.30 -8.24
N SER A 77 18.25 25.93 -7.11
CA SER A 77 18.85 25.52 -5.86
C SER A 77 18.24 24.21 -5.36
N ILE A 78 16.90 24.12 -5.33
CA ILE A 78 16.20 23.01 -4.68
C ILE A 78 15.59 22.04 -5.67
N GLY A 79 15.66 22.31 -6.98
CA GLY A 79 15.14 21.37 -7.95
C GLY A 79 13.64 21.14 -7.90
N LYS A 80 12.86 22.21 -8.04
CA LYS A 80 11.41 22.15 -8.19
C LYS A 80 10.96 23.35 -9.00
N LYS A 81 10.09 23.13 -9.98
CA LYS A 81 9.72 24.16 -10.95
C LYS A 81 9.37 25.47 -10.26
N LYS A 82 9.68 26.57 -10.94
CA LYS A 82 9.35 27.92 -10.50
C LYS A 82 7.84 28.13 -10.55
N GLY A 83 7.30 28.73 -9.50
CA GLY A 83 5.88 28.95 -9.42
C GLY A 83 5.44 29.00 -7.97
N THR A 84 4.14 28.84 -7.77
CA THR A 84 3.52 28.93 -6.45
C THR A 84 3.06 27.56 -5.96
N TYR A 85 3.19 27.33 -4.65
CA TYR A 85 2.74 26.12 -4.00
C TYR A 85 1.93 26.50 -2.78
N ILE A 86 0.65 26.15 -2.77
CA ILE A 86 -0.20 26.29 -1.60
C ILE A 86 -0.46 24.90 -1.03
N THR A 87 -0.14 24.71 0.24
CA THR A 87 -0.35 23.46 0.95
C THR A 87 -1.31 23.74 2.10
N LEU A 88 -2.49 23.10 2.09
CA LEU A 88 -3.45 23.19 3.19
C LEU A 88 -3.48 21.89 3.97
N THR A 89 -3.47 21.99 5.30
CA THR A 89 -3.29 20.82 6.15
C THR A 89 -4.18 20.90 7.39
N VAL A 90 -5.00 19.87 7.62
CA VAL A 90 -5.67 19.66 8.91
C VAL A 90 -4.99 18.50 9.62
N PRO A 91 -4.07 18.76 10.56
CA PRO A 91 -3.32 17.64 11.17
C PRO A 91 -4.19 16.65 11.93
N THR A 92 -5.29 17.11 12.51
CA THR A 92 -6.17 16.26 13.29
C THR A 92 -7.19 15.50 12.45
N LEU A 93 -7.23 15.78 11.13
CA LEU A 93 -8.28 15.27 10.24
C LEU A 93 -8.44 13.76 10.33
N THR A 94 -9.70 13.33 10.35
CA THR A 94 -10.10 11.93 10.19
C THR A 94 -11.19 11.85 9.14
N VAL A 95 -11.47 10.62 8.69
CA VAL A 95 -12.50 10.39 7.69
C VAL A 95 -13.84 10.95 8.16
N GLU A 96 -14.14 10.81 9.46
CA GLU A 96 -15.40 11.24 10.04
C GLU A 96 -15.47 12.73 10.32
N ASP A 97 -14.34 13.43 10.16
CA ASP A 97 -14.20 14.83 10.58
C ASP A 97 -14.87 15.70 9.53
N ALA A 98 -16.21 15.76 9.61
CA ALA A 98 -16.97 16.54 8.64
C ALA A 98 -16.64 18.02 8.72
N GLN A 99 -16.36 18.51 9.94
CA GLN A 99 -16.04 19.93 10.09
C GLN A 99 -14.69 20.26 9.44
N GLY A 100 -13.66 19.48 9.78
CA GLY A 100 -12.37 19.66 9.13
C GLY A 100 -12.49 19.63 7.62
N PHE A 101 -13.25 18.66 7.09
CA PHE A 101 -13.47 18.64 5.66
C PHE A 101 -14.20 19.87 5.19
N GLN A 102 -15.16 20.35 6.00
CA GLN A 102 -15.86 21.55 5.60
C GLN A 102 -14.91 22.75 5.58
N GLU A 103 -14.05 22.87 6.59
CA GLU A 103 -13.09 23.96 6.63
C GLU A 103 -12.11 23.86 5.45
N LEU A 104 -11.59 22.66 5.19
CA LEU A 104 -10.68 22.49 4.06
C LEU A 104 -11.35 22.89 2.76
N ASN A 105 -12.65 22.65 2.64
CA ASN A 105 -13.35 23.03 1.42
C ASN A 105 -13.32 24.53 1.20
N GLN A 106 -13.54 25.30 2.28
CA GLN A 106 -13.49 26.76 2.17
C GLN A 106 -12.10 27.23 1.79
N GLN A 107 -11.09 26.77 2.54
CA GLN A 107 -9.72 27.16 2.23
C GLN A 107 -9.35 26.80 0.80
N LEU A 108 -9.84 25.67 0.31
CA LEU A 108 -9.49 25.24 -1.05
C LEU A 108 -10.09 26.19 -2.09
N ILE A 109 -11.33 26.64 -1.89
CA ILE A 109 -11.95 27.55 -2.84
C ILE A 109 -11.20 28.88 -2.86
N SER A 110 -10.87 29.39 -1.67
CA SER A 110 -10.15 30.65 -1.60
C SER A 110 -8.78 30.55 -2.29
N SER A 111 -8.00 29.51 -1.96
CA SER A 111 -6.71 29.30 -2.62
C SER A 111 -6.86 29.10 -4.12
N LEU A 112 -7.99 28.55 -4.57
CA LEU A 112 -8.11 28.35 -6.00
C LEU A 112 -8.23 29.67 -6.74
N LYS A 113 -8.89 30.68 -6.14
CA LYS A 113 -8.93 31.94 -6.86
C LYS A 113 -7.65 32.76 -6.65
N ASP A 114 -7.05 32.69 -5.46
CA ASP A 114 -5.76 33.33 -5.24
C ASP A 114 -4.75 32.90 -6.29
N ILE A 115 -4.54 31.59 -6.44
CA ILE A 115 -3.53 31.09 -7.36
C ILE A 115 -3.92 31.32 -8.82
N HIS A 116 -5.17 31.68 -9.09
CA HIS A 116 -5.62 31.87 -10.46
C HIS A 116 -6.03 33.30 -10.77
N GLN A 117 -5.94 34.22 -9.80
CA GLN A 117 -6.34 35.60 -10.07
C GLN A 117 -5.61 36.15 -11.29
N ALA A 118 -4.28 36.03 -11.30
CA ALA A 118 -3.48 36.55 -12.41
C ALA A 118 -3.81 35.89 -13.75
N LEU A 119 -4.67 34.89 -13.78
CA LEU A 119 -5.02 34.32 -15.07
C LEU A 119 -6.11 35.13 -15.76
N MET A 120 -6.84 35.96 -14.99
CA MET A 120 -7.92 36.81 -15.49
C MET A 120 -8.92 35.97 -16.29
N LEU A 121 -9.59 35.08 -15.56
CA LEU A 121 -10.50 34.13 -16.18
C LEU A 121 -11.88 34.77 -16.33
N THR A 122 -12.50 34.52 -17.49
CA THR A 122 -13.79 35.10 -17.86
C THR A 122 -14.86 34.02 -17.94
N ASP A 123 -16.13 34.45 -17.98
CA ASP A 123 -17.22 33.47 -18.16
C ASP A 123 -17.24 32.85 -19.60
N GLN A 124 -16.17 33.08 -20.36
CA GLN A 124 -16.01 32.55 -21.70
C GLN A 124 -14.80 31.64 -21.80
N SER A 125 -14.15 31.35 -20.68
CA SER A 125 -12.99 30.46 -20.68
C SER A 125 -13.44 29.00 -20.76
N LYS A 126 -12.65 28.19 -21.45
CA LYS A 126 -12.87 26.75 -21.54
C LYS A 126 -11.88 26.05 -20.62
N ILE A 127 -12.40 25.31 -19.64
CA ILE A 127 -11.58 24.76 -18.56
C ILE A 127 -11.56 23.23 -18.66
N LEU A 128 -10.36 22.65 -18.65
CA LEU A 128 -10.17 21.21 -18.78
C LEU A 128 -9.68 20.60 -17.45
N VAL A 129 -10.48 19.71 -16.86
CA VAL A 129 -10.13 19.04 -15.61
C VAL A 129 -9.76 17.59 -15.91
N ILE A 130 -8.56 17.18 -15.49
CA ILE A 130 -8.07 15.81 -15.69
C ILE A 130 -7.79 15.17 -14.33
N GLY A 131 -8.36 13.98 -14.13
CA GLY A 131 -8.03 13.15 -12.97
C GLY A 131 -7.12 12.01 -13.37
N LEU A 132 -5.82 12.11 -13.09
CA LEU A 132 -4.95 10.99 -13.36
C LEU A 132 -5.08 9.95 -12.26
N GLY A 133 -4.66 8.72 -12.56
CA GLY A 133 -4.63 7.65 -11.59
C GLY A 133 -5.18 6.35 -12.16
N ASN A 134 -4.77 5.24 -11.55
CA ASN A 134 -5.26 3.91 -11.88
C ASN A 134 -6.34 3.53 -10.86
N ARG A 135 -7.57 3.34 -11.34
CA ARG A 135 -8.72 3.25 -10.45
C ARG A 135 -8.66 2.00 -9.57
N THR A 136 -7.99 0.93 -10.02
CA THR A 136 -7.96 -0.32 -9.29
C THR A 136 -6.83 -0.40 -8.26
N ILE A 137 -6.05 0.67 -8.08
CA ILE A 137 -5.08 0.77 -6.99
C ILE A 137 -5.66 1.82 -6.05
N THR A 138 -6.19 1.37 -4.90
CA THR A 138 -7.05 2.19 -4.04
C THR A 138 -6.54 3.62 -3.85
N PRO A 139 -5.33 3.85 -3.35
CA PRO A 139 -4.92 5.24 -3.09
C PRO A 139 -4.68 6.03 -4.38
N ASP A 140 -4.53 5.37 -5.52
CA ASP A 140 -4.34 6.06 -6.78
C ASP A 140 -5.66 6.44 -7.43
N ALA A 141 -6.78 6.09 -6.81
CA ALA A 141 -8.07 6.28 -7.43
C ALA A 141 -8.63 7.68 -7.17
N ILE A 142 -7.88 8.54 -6.48
CA ILE A 142 -8.28 9.93 -6.28
C ILE A 142 -8.77 10.56 -7.58
N GLY A 143 -7.87 10.67 -8.57
CA GLY A 143 -8.20 11.30 -9.82
C GLY A 143 -9.49 10.81 -10.46
N PRO A 144 -9.52 9.54 -10.85
CA PRO A 144 -10.73 9.00 -11.52
C PRO A 144 -12.02 9.17 -10.73
N VAL A 145 -12.02 8.95 -9.40
CA VAL A 145 -13.22 9.12 -8.61
C VAL A 145 -13.63 10.58 -8.55
N ALA A 146 -12.65 11.48 -8.45
CA ALA A 146 -12.92 12.91 -8.59
C ALA A 146 -13.63 13.21 -9.91
N ILE A 147 -13.18 12.63 -11.01
CA ILE A 147 -13.84 12.93 -12.29
C ILE A 147 -15.28 12.40 -12.28
N ASP A 148 -15.51 11.19 -11.77
CA ASP A 148 -16.87 10.67 -11.64
C ASP A 148 -17.77 11.61 -10.84
N ARG A 149 -17.28 12.09 -9.70
CA ARG A 149 -18.10 12.96 -8.87
C ARG A 149 -18.27 14.33 -9.52
N PHE A 150 -17.22 14.81 -10.19
CA PHE A 150 -17.31 16.06 -10.93
C PHE A 150 -18.41 15.98 -11.97
N HIS A 151 -18.38 14.92 -12.80
CA HIS A 151 -19.42 14.72 -13.80
C HIS A 151 -20.81 14.68 -13.17
N GLU A 152 -20.95 14.04 -12.01
CA GLU A 152 -22.27 13.99 -11.37
C GLU A 152 -22.73 15.37 -10.95
N ALA A 153 -21.87 16.12 -10.26
CA ALA A 153 -22.25 17.43 -9.77
C ALA A 153 -22.57 18.42 -10.90
N ILE A 154 -22.11 18.17 -12.13
CA ILE A 154 -22.43 19.07 -13.24
C ILE A 154 -23.93 19.10 -13.52
N PHE A 155 -24.59 17.93 -13.43
CA PHE A 155 -26.06 17.85 -13.57
C PHE A 155 -26.76 18.82 -12.64
N SER A 156 -26.48 18.70 -11.34
CA SER A 156 -27.17 19.49 -10.33
C SER A 156 -26.60 20.91 -10.16
N SER A 157 -26.08 21.52 -11.23
CA SER A 157 -25.33 22.76 -11.04
C SER A 157 -25.48 23.69 -12.23
N PRO A 158 -25.47 25.01 -11.99
CA PRO A 158 -25.62 25.97 -13.10
C PRO A 158 -24.69 25.69 -14.25
N ILE A 159 -23.42 25.38 -13.93
CA ILE A 159 -22.40 25.06 -14.92
C ILE A 159 -22.98 24.08 -15.92
N GLU A 160 -23.33 24.60 -17.10
CA GLU A 160 -23.53 23.75 -18.26
C GLU A 160 -22.30 22.88 -18.46
N PHE A 161 -22.51 21.66 -18.94
CA PHE A 161 -21.38 21.00 -19.58
C PHE A 161 -21.04 21.79 -20.86
N GLY A 162 -19.77 21.84 -21.18
CA GLY A 162 -19.34 22.78 -22.22
C GLY A 162 -18.90 23.99 -21.44
N GLN A 163 -17.64 24.39 -21.66
CA GLN A 163 -16.92 25.47 -20.96
C GLN A 163 -16.22 24.92 -19.71
N VAL A 164 -16.46 23.65 -19.41
CA VAL A 164 -15.77 22.78 -18.42
C VAL A 164 -15.89 21.39 -19.01
N VAL A 165 -14.79 20.89 -19.50
CA VAL A 165 -14.67 19.54 -20.04
C VAL A 165 -13.74 18.74 -19.13
N TYR A 166 -13.93 17.43 -19.07
CA TYR A 166 -13.21 16.68 -18.05
C TYR A 166 -12.95 15.26 -18.53
N TYR A 167 -11.78 14.74 -18.19
CA TYR A 167 -11.45 13.36 -18.54
C TYR A 167 -10.63 12.71 -17.43
N ALA A 168 -10.71 11.38 -17.37
CA ALA A 168 -9.88 10.58 -16.47
C ALA A 168 -9.16 9.58 -17.35
N PRO A 169 -7.91 9.85 -17.73
CA PRO A 169 -7.28 9.06 -18.80
C PRO A 169 -7.01 7.64 -18.42
N GLY A 170 -6.88 7.35 -17.11
CA GLY A 170 -6.49 6.03 -16.68
C GLY A 170 -5.05 5.71 -17.06
N VAL A 171 -4.78 4.41 -17.20
CA VAL A 171 -3.44 3.95 -17.52
C VAL A 171 -3.23 4.10 -19.04
N THR A 172 -2.76 5.28 -19.45
CA THR A 172 -2.67 5.58 -20.89
C THR A 172 -1.59 4.76 -21.59
N GLY A 173 -0.69 4.10 -20.85
CA GLY A 173 0.36 3.33 -21.47
C GLY A 173 -0.13 2.10 -22.19
N GLN A 174 -1.32 1.62 -21.86
CA GLN A 174 -1.88 0.46 -22.55
C GLN A 174 -2.17 0.76 -24.01
N THR A 175 -2.31 2.03 -24.37
CA THR A 175 -2.64 2.43 -25.73
C THR A 175 -1.43 2.92 -26.52
N GLY A 176 -0.27 2.99 -25.90
CA GLY A 176 0.93 3.44 -26.58
C GLY A 176 1.26 4.91 -26.38
N LEU A 177 0.65 5.58 -25.41
CA LEU A 177 0.93 6.97 -25.12
C LEU A 177 1.23 7.15 -23.64
N GLU A 178 2.07 8.13 -23.35
CA GLU A 178 2.24 8.53 -21.97
C GLU A 178 1.17 9.54 -21.59
N THR A 179 0.92 9.64 -20.28
CA THR A 179 -0.05 10.60 -19.78
C THR A 179 0.26 12.02 -20.27
N GLY A 180 1.52 12.33 -20.55
CA GLY A 180 1.84 13.58 -21.17
C GLY A 180 1.20 13.78 -22.53
N GLU A 181 1.54 12.90 -23.48
CA GLU A 181 1.01 13.01 -24.84
C GLU A 181 -0.50 12.95 -24.85
N PHE A 182 -1.08 12.13 -23.97
CA PHE A 182 -2.52 11.94 -23.94
C PHE A 182 -3.22 13.24 -23.57
N VAL A 183 -2.74 13.91 -22.52
CA VAL A 183 -3.32 15.20 -22.15
C VAL A 183 -3.02 16.24 -23.21
N ARG A 184 -1.90 16.11 -23.92
CA ARG A 184 -1.61 17.03 -25.02
C ARG A 184 -2.56 16.80 -26.18
N ALA A 185 -2.72 15.54 -26.60
CA ALA A 185 -3.64 15.19 -27.68
C ALA A 185 -5.05 15.74 -27.46
N ILE A 186 -5.45 15.93 -26.20
CA ILE A 186 -6.80 16.45 -25.93
C ILE A 186 -6.79 17.97 -25.83
N SER A 187 -5.78 18.52 -25.15
CA SER A 187 -5.71 19.96 -24.95
C SER A 187 -5.56 20.70 -26.29
N GLU A 188 -4.90 20.08 -27.26
CA GLU A 188 -4.77 20.69 -28.58
C GLU A 188 -6.13 20.92 -29.22
N ARG A 189 -7.02 19.93 -29.15
CA ARG A 189 -8.32 20.05 -29.79
C ARG A 189 -9.32 20.78 -28.91
N VAL A 190 -9.23 20.64 -27.60
CA VAL A 190 -10.13 21.36 -26.71
C VAL A 190 -9.75 22.83 -26.65
N LYS A 191 -8.45 23.12 -26.78
CA LYS A 191 -7.88 24.46 -26.63
C LYS A 191 -8.35 25.09 -25.32
N PRO A 192 -7.90 24.59 -24.17
CA PRO A 192 -8.37 25.13 -22.90
C PRO A 192 -7.61 26.39 -22.55
N ASP A 193 -8.19 27.15 -21.63
CA ASP A 193 -7.50 28.27 -21.03
C ASP A 193 -6.89 27.92 -19.68
N LEU A 194 -7.42 26.90 -19.00
CA LEU A 194 -6.83 26.35 -17.79
C LEU A 194 -6.95 24.84 -17.84
N ILE A 195 -5.91 24.14 -17.38
CA ILE A 195 -5.95 22.70 -17.20
C ILE A 195 -5.69 22.42 -15.74
N ILE A 196 -6.67 21.83 -15.07
CA ILE A 196 -6.54 21.39 -13.67
C ILE A 196 -6.33 19.89 -13.64
N VAL A 197 -5.22 19.45 -13.07
CA VAL A 197 -4.93 18.01 -12.93
C VAL A 197 -5.05 17.62 -11.46
N ILE A 198 -5.81 16.54 -11.20
CA ILE A 198 -5.98 15.97 -9.87
C ILE A 198 -5.27 14.62 -9.81
N ASP A 199 -4.42 14.44 -8.82
CA ASP A 199 -3.57 13.24 -8.78
C ASP A 199 -3.26 12.89 -7.34
N ALA A 200 -2.95 11.61 -7.09
CA ALA A 200 -2.48 11.22 -5.77
C ALA A 200 -0.96 11.37 -5.72
N LEU A 201 -0.48 11.80 -4.56
CA LEU A 201 0.92 12.09 -4.32
C LEU A 201 1.50 11.13 -3.27
N ALA A 202 2.82 11.10 -3.19
CA ALA A 202 3.53 10.30 -2.20
C ALA A 202 4.23 11.23 -1.21
N ALA A 203 4.06 10.95 0.07
CA ALA A 203 4.76 11.65 1.14
C ALA A 203 5.98 10.86 1.59
N ARG A 204 6.82 11.50 2.39
CA ARG A 204 7.88 10.76 3.04
C ARG A 204 7.55 10.39 4.48
N ASN A 205 6.82 11.24 5.19
CA ASN A 205 6.39 10.95 6.55
C ASN A 205 4.97 10.41 6.49
N GLN A 206 4.74 9.25 7.11
CA GLN A 206 3.44 8.62 7.00
C GLN A 206 2.36 9.42 7.71
N ASP A 207 2.75 10.30 8.64
CA ASP A 207 1.74 11.10 9.34
C ASP A 207 1.13 12.16 8.44
N ARG A 208 1.72 12.44 7.27
CA ARG A 208 1.16 13.38 6.31
C ARG A 208 -0.04 12.82 5.55
N LEU A 209 -0.21 11.51 5.48
CA LEU A 209 -1.10 10.91 4.49
C LEU A 209 -2.55 11.33 4.71
N CYS A 210 -3.18 11.79 3.64
CA CYS A 210 -4.61 12.13 3.59
C CYS A 210 -4.98 13.36 4.41
N LYS A 211 -4.02 14.09 4.97
CA LYS A 211 -4.31 15.26 5.79
C LYS A 211 -3.95 16.59 5.13
N SER A 212 -3.48 16.59 3.89
CA SER A 212 -3.09 17.81 3.23
C SER A 212 -3.60 17.82 1.79
N LEU A 213 -3.83 19.04 1.27
CA LEU A 213 -3.92 19.31 -0.16
C LEU A 213 -2.76 20.20 -0.57
N GLN A 214 -2.21 19.97 -1.76
CA GLN A 214 -1.19 20.86 -2.30
C GLN A 214 -1.63 21.33 -3.67
N ILE A 215 -1.88 22.65 -3.79
CA ILE A 215 -2.26 23.30 -5.05
C ILE A 215 -1.05 24.04 -5.58
N THR A 216 -0.69 23.80 -6.84
CA THR A 216 0.46 24.44 -7.45
C THR A 216 0.19 24.72 -8.91
N ASN A 217 0.74 25.84 -9.40
CA ASN A 217 0.63 26.25 -10.81
C ASN A 217 1.80 25.75 -11.65
N THR A 218 2.61 24.85 -11.09
CA THR A 218 3.73 24.25 -11.79
C THR A 218 3.36 22.94 -12.47
N GLY A 219 2.10 22.53 -12.37
CA GLY A 219 1.68 21.33 -13.05
C GLY A 219 2.04 20.04 -12.33
N ILE A 220 2.01 18.96 -13.10
CA ILE A 220 2.44 17.64 -12.67
C ILE A 220 3.93 17.51 -12.97
N HIS A 221 4.77 17.40 -11.91
CA HIS A 221 6.22 17.23 -12.07
C HIS A 221 6.56 15.81 -12.51
N PRO A 222 7.64 15.63 -13.26
CA PRO A 222 8.03 14.28 -13.69
C PRO A 222 8.49 13.43 -12.51
N GLY A 223 8.27 12.12 -12.63
CA GLY A 223 8.61 11.19 -11.56
C GLY A 223 7.70 11.20 -10.37
N SER A 224 6.59 11.91 -10.43
CA SER A 224 5.69 12.06 -9.31
C SER A 224 4.59 11.00 -9.35
N GLY A 225 3.71 11.04 -8.35
CA GLY A 225 2.65 10.07 -8.24
C GLY A 225 3.10 8.76 -7.62
N VAL A 226 2.10 7.91 -7.43
CA VAL A 226 2.27 6.62 -6.74
C VAL A 226 3.26 5.74 -7.48
N GLY A 227 3.22 5.74 -8.81
CA GLY A 227 4.07 4.93 -9.66
C GLY A 227 5.45 5.48 -9.92
N ASN A 228 5.75 6.66 -9.36
CA ASN A 228 7.01 7.37 -9.61
C ASN A 228 7.37 7.41 -11.09
N SER A 229 6.38 7.82 -11.91
CA SER A 229 6.50 7.64 -13.35
C SER A 229 5.75 8.71 -14.14
N ARG A 230 5.31 9.80 -13.53
CA ARG A 230 4.58 10.83 -14.25
C ARG A 230 5.52 11.56 -15.20
N ASN A 231 4.94 12.05 -16.29
CA ASN A 231 5.66 12.96 -17.16
C ASN A 231 5.23 14.38 -16.82
N GLU A 232 6.13 15.34 -17.09
CA GLU A 232 5.77 16.74 -16.90
C GLU A 232 4.50 17.06 -17.69
N ILE A 233 3.54 17.69 -17.02
CA ILE A 233 2.35 18.27 -17.62
C ILE A 233 2.26 19.65 -17.00
N SER A 234 2.65 20.67 -17.76
CA SER A 234 2.77 22.01 -17.20
C SER A 234 2.52 23.02 -18.30
N PHE A 235 2.44 24.27 -17.87
CA PHE A 235 2.38 25.38 -18.80
C PHE A 235 3.58 25.38 -19.78
N GLU A 236 4.75 24.90 -19.34
CA GLU A 236 5.90 24.80 -20.24
C GLU A 236 5.72 23.67 -21.26
N SER A 237 5.35 22.48 -20.81
CA SER A 237 5.26 21.36 -21.74
C SER A 237 4.15 21.53 -22.78
N LEU A 238 3.15 22.38 -22.49
CA LEU A 238 1.87 22.34 -23.17
C LEU A 238 1.44 23.69 -23.75
N GLY A 239 1.78 24.79 -23.08
CA GLY A 239 1.38 26.10 -23.52
C GLY A 239 0.11 26.63 -22.89
N VAL A 240 -0.57 25.81 -22.08
CA VAL A 240 -1.78 26.22 -21.36
C VAL A 240 -1.42 26.24 -19.89
N PRO A 241 -1.92 27.17 -19.08
CA PRO A 241 -1.63 27.11 -17.65
C PRO A 241 -2.18 25.82 -17.06
N VAL A 242 -1.38 25.19 -16.18
CA VAL A 242 -1.69 23.88 -15.64
C VAL A 242 -1.58 23.96 -14.13
N THR A 243 -2.67 23.74 -13.44
CA THR A 243 -2.66 23.63 -11.99
C THR A 243 -2.82 22.18 -11.57
N ALA A 244 -2.05 21.76 -10.57
CA ALA A 244 -2.15 20.43 -10.00
C ALA A 244 -2.73 20.51 -8.61
N ILE A 245 -3.76 19.73 -8.35
CA ILE A 245 -4.26 19.50 -7.00
C ILE A 245 -3.94 18.05 -6.61
N GLY A 246 -3.18 17.87 -5.54
CA GLY A 246 -2.76 16.56 -5.12
C GLY A 246 -2.97 16.36 -3.64
N VAL A 247 -3.22 15.11 -3.27
CA VAL A 247 -3.31 14.74 -1.87
C VAL A 247 -2.37 13.55 -1.68
N PRO A 248 -1.56 13.52 -0.62
CA PRO A 248 -0.61 12.42 -0.43
C PRO A 248 -1.31 11.18 0.12
N MET A 249 -1.22 10.08 -0.62
CA MET A 249 -1.93 8.86 -0.29
C MET A 249 -1.02 7.67 0.01
N VAL A 250 0.27 7.72 -0.33
CA VAL A 250 1.16 6.58 -0.15
C VAL A 250 2.55 7.04 0.29
N VAL A 251 3.27 6.11 0.89
CA VAL A 251 4.72 6.23 1.11
C VAL A 251 5.37 5.11 0.34
N ASP A 252 6.50 5.39 -0.32
CA ASP A 252 7.26 4.30 -0.92
C ASP A 252 7.84 3.42 0.18
N ALA A 253 7.82 2.11 -0.04
CA ALA A 253 8.25 1.19 1.02
C ALA A 253 9.67 1.47 1.51
N PRO A 254 10.67 1.76 0.67
CA PRO A 254 11.99 2.06 1.24
C PRO A 254 12.01 3.38 2.01
N VAL A 255 11.22 4.36 1.59
CA VAL A 255 11.17 5.64 2.29
C VAL A 255 10.51 5.49 3.67
N LEU A 256 9.48 4.62 3.78
CA LEU A 256 8.87 4.39 5.08
C LEU A 256 9.87 3.76 6.07
N VAL A 257 10.65 2.78 5.61
CA VAL A 257 11.74 2.24 6.42
C VAL A 257 12.68 3.35 6.88
N VAL A 258 13.06 4.24 5.97
CA VAL A 258 14.05 5.27 6.31
C VAL A 258 13.53 6.18 7.41
N GLU A 259 12.25 6.57 7.34
CA GLU A 259 11.72 7.47 8.36
C GLU A 259 11.52 6.74 9.68
N ALA A 260 11.19 5.44 9.63
CA ALA A 260 11.11 4.65 10.87
C ALA A 260 12.45 4.66 11.59
N ILE A 261 13.52 4.32 10.86
CA ILE A 261 14.85 4.32 11.45
C ILE A 261 15.18 5.68 12.04
N GLU A 262 14.88 6.74 11.30
CA GLU A 262 15.18 8.07 11.82
C GLU A 262 14.27 8.43 12.97
N THR A 263 13.07 7.83 13.02
CA THR A 263 12.17 8.09 14.15
C THR A 263 12.72 7.45 15.42
N VAL A 264 13.22 6.22 15.33
CA VAL A 264 13.97 5.65 16.45
C VAL A 264 15.02 6.63 16.95
N PHE A 265 15.86 7.16 16.02
CA PHE A 265 16.94 8.05 16.46
C PHE A 265 16.39 9.34 17.04
N LYS A 266 15.29 9.84 16.50
CA LYS A 266 14.79 11.13 16.98
C LYS A 266 14.16 10.98 18.34
N VAL A 267 13.30 9.97 18.50
CA VAL A 267 12.58 9.78 19.76
C VAL A 267 13.56 9.52 20.90
N ILE A 268 14.49 8.57 20.71
CA ILE A 268 15.54 8.33 21.70
C ILE A 268 16.27 9.64 22.02
N SER A 269 16.51 10.48 21.01
CA SER A 269 17.28 11.71 21.19
C SER A 269 16.51 12.74 22.00
N SER A 270 15.22 12.88 21.73
CA SER A 270 14.40 13.85 22.44
C SER A 270 14.22 13.49 23.91
N GLN A 271 14.43 12.25 24.31
CA GLN A 271 14.21 11.88 25.71
C GLN A 271 15.47 11.99 26.55
N ILE A 272 16.54 12.54 25.98
CA ILE A 272 17.76 12.79 26.74
C ILE A 272 17.56 14.06 27.55
N GLY A 273 17.80 13.97 28.87
CA GLY A 273 17.47 15.03 29.79
C GLY A 273 16.03 15.01 30.27
N GLU A 274 15.30 13.93 30.01
CA GLU A 274 13.87 13.80 30.28
C GLU A 274 13.07 14.99 29.72
N GLU A 293 13.47 18.59 14.85
CA GLU A 293 13.65 17.54 15.86
C GLU A 293 15.01 16.82 15.73
N PRO A 294 16.05 17.35 16.38
CA PRO A 294 17.42 16.94 16.05
C PRO A 294 17.74 15.54 16.53
N ILE A 295 18.82 14.99 16.00
CA ILE A 295 19.36 13.71 16.41
C ILE A 295 20.67 14.00 17.14
N ASN A 296 20.74 13.62 18.41
CA ASN A 296 21.92 13.86 19.23
C ASN A 296 22.92 12.75 18.94
N VAL A 297 23.67 12.94 17.86
CA VAL A 297 24.54 11.90 17.35
C VAL A 297 25.54 11.46 18.40
N ASP A 298 26.12 12.42 19.13
CA ASP A 298 27.18 12.08 20.07
C ASP A 298 26.66 11.15 21.17
N ALA A 299 25.42 11.37 21.61
CA ALA A 299 24.88 10.58 22.71
C ALA A 299 24.44 9.19 22.26
N ILE A 300 23.84 9.07 21.07
CA ILE A 300 23.22 7.81 20.66
C ILE A 300 24.09 6.97 19.73
N LYS A 301 25.20 7.50 19.28
CA LYS A 301 26.03 6.77 18.33
C LYS A 301 26.73 5.55 18.95
N PRO A 302 27.23 5.62 20.19
CA PRO A 302 27.77 4.40 20.82
C PRO A 302 26.74 3.29 20.91
N ILE A 303 25.47 3.64 21.06
CA ILE A 303 24.41 2.64 21.17
C ILE A 303 23.95 2.17 19.78
N PHE A 304 23.70 3.12 18.87
CA PHE A 304 22.95 2.86 17.66
C PHE A 304 23.79 2.88 16.37
N GLY A 305 25.04 3.33 16.42
CA GLY A 305 25.95 3.15 15.30
C GLY A 305 26.24 4.43 14.51
N GLU A 306 27.19 4.30 13.60
CA GLU A 306 27.59 5.44 12.78
C GLU A 306 26.43 5.99 11.96
N TRP A 307 25.58 5.12 11.41
CA TRP A 307 24.51 5.64 10.58
C TRP A 307 23.58 6.61 11.31
N THR A 308 23.67 6.77 12.62
CA THR A 308 22.94 7.86 13.26
C THR A 308 23.40 9.23 12.73
N ALA A 309 24.64 9.32 12.22
CA ALA A 309 25.14 10.56 11.64
C ALA A 309 24.64 10.78 10.21
N TRP A 310 24.26 9.72 9.49
CA TRP A 310 23.87 9.78 8.08
C TRP A 310 22.62 10.62 7.86
N SER A 311 22.47 11.09 6.60
CA SER A 311 21.30 11.84 6.18
C SER A 311 20.25 10.87 5.62
N SER A 312 19.02 11.37 5.47
CA SER A 312 17.95 10.51 4.99
C SER A 312 18.31 9.87 3.65
N GLU A 313 19.05 10.59 2.79
CA GLU A 313 19.39 10.05 1.47
C GLU A 313 20.47 8.98 1.58
N GLU A 314 21.42 9.16 2.49
CA GLU A 314 22.40 8.10 2.64
C GLU A 314 21.75 6.81 3.12
N LEU A 315 20.80 6.90 4.08
CA LEU A 315 20.09 5.70 4.54
C LEU A 315 19.27 5.10 3.41
N HIS A 316 18.64 5.95 2.59
CA HIS A 316 17.88 5.47 1.44
C HIS A 316 18.78 4.82 0.40
N ALA A 317 19.96 5.38 0.19
CA ALA A 317 20.90 4.79 -0.75
C ALA A 317 21.36 3.41 -0.27
N LEU A 318 21.62 3.29 1.04
CA LEU A 318 21.89 1.98 1.64
C LEU A 318 20.74 1.01 1.36
N LEU A 319 19.51 1.43 1.62
CA LEU A 319 18.39 0.50 1.39
C LEU A 319 18.32 0.09 -0.07
N ASP A 320 18.58 1.05 -0.98
CA ASP A 320 18.53 0.75 -2.41
C ASP A 320 19.53 -0.32 -2.79
N GLU A 321 20.78 -0.18 -2.33
CA GLU A 321 21.79 -1.21 -2.56
C GLU A 321 21.42 -2.55 -1.94
N VAL A 322 20.90 -2.55 -0.71
CA VAL A 322 20.89 -3.74 0.13
C VAL A 322 19.56 -4.50 0.06
N LEU A 323 18.44 -3.80 -0.06
CA LEU A 323 17.15 -4.50 -0.02
C LEU A 323 16.87 -5.26 -1.32
N PRO A 324 16.16 -6.38 -1.22
CA PRO A 324 15.64 -7.04 -2.43
C PRO A 324 14.87 -6.05 -3.29
N PRO A 325 15.07 -6.09 -4.61
CA PRO A 325 14.49 -5.05 -5.49
C PRO A 325 12.97 -4.93 -5.43
N ARG A 326 12.24 -5.99 -5.09
CA ARG A 326 10.80 -5.87 -5.01
C ARG A 326 10.37 -4.82 -4.00
N HIS A 327 11.24 -4.42 -3.07
CA HIS A 327 10.87 -3.39 -2.10
C HIS A 327 10.46 -2.09 -2.80
N GLN A 328 11.08 -1.77 -3.94
CA GLN A 328 10.73 -0.51 -4.57
C GLN A 328 9.43 -0.60 -5.37
N GLN A 329 8.94 -1.80 -5.64
CA GLN A 329 7.60 -1.99 -6.19
C GLN A 329 6.48 -2.00 -5.13
N LEU A 330 6.75 -1.65 -3.88
CA LEU A 330 5.73 -1.70 -2.84
C LEU A 330 5.34 -0.29 -2.39
N PHE A 331 4.05 -0.10 -2.13
CA PHE A 331 3.60 1.13 -1.51
C PHE A 331 2.91 0.86 -0.17
N VAL A 332 2.78 1.92 0.61
CA VAL A 332 2.21 1.88 1.95
C VAL A 332 1.05 2.87 1.99
N THR A 333 -0.11 2.41 2.42
CA THR A 333 -1.27 3.28 2.46
C THR A 333 -2.13 2.87 3.66
N PRO A 334 -2.94 3.78 4.20
CA PRO A 334 -3.80 3.42 5.32
C PRO A 334 -4.81 2.34 4.94
N LYS A 335 -5.17 1.55 5.96
CA LYS A 335 -6.11 0.45 5.80
C LYS A 335 -7.50 0.93 5.39
N GLU A 336 -7.87 2.17 5.72
CA GLU A 336 -9.11 2.75 5.23
C GLU A 336 -8.89 3.84 4.16
N SER A 337 -7.90 3.64 3.29
CA SER A 337 -7.63 4.62 2.25
C SER A 337 -8.72 4.69 1.20
N ASP A 338 -9.66 3.73 1.17
CA ASP A 338 -10.79 3.87 0.25
C ASP A 338 -11.82 4.87 0.77
N ALA A 339 -12.06 4.89 2.08
CA ALA A 339 -12.84 5.99 2.65
C ALA A 339 -12.15 7.33 2.42
N TRP A 340 -10.82 7.37 2.58
CA TRP A 340 -10.08 8.60 2.32
C TRP A 340 -10.27 9.07 0.87
N VAL A 341 -10.14 8.15 -0.08
CA VAL A 341 -10.30 8.53 -1.48
C VAL A 341 -11.67 9.15 -1.70
N ILE A 342 -12.71 8.55 -1.13
CA ILE A 342 -14.07 9.06 -1.30
C ILE A 342 -14.18 10.46 -0.71
N MET A 343 -13.64 10.67 0.50
CA MET A 343 -13.76 11.97 1.14
C MET A 343 -12.97 13.03 0.38
N HIS A 344 -11.81 12.66 -0.17
CA HIS A 344 -10.98 13.67 -0.81
C HIS A 344 -11.43 13.93 -2.23
N ALA A 345 -11.80 12.86 -2.96
CA ALA A 345 -12.37 13.08 -4.28
C ALA A 345 -13.61 13.96 -4.20
N ASP A 346 -14.39 13.85 -3.12
CA ASP A 346 -15.52 14.75 -3.02
C ASP A 346 -15.11 16.16 -2.63
N LEU A 347 -14.08 16.29 -1.79
CA LEU A 347 -13.59 17.62 -1.43
C LEU A 347 -13.05 18.36 -2.65
N ILE A 348 -12.22 17.71 -3.46
CA ILE A 348 -11.54 18.41 -4.53
C ILE A 348 -12.52 18.83 -5.61
N GLN A 349 -13.43 17.93 -5.97
CA GLN A 349 -14.44 18.26 -6.97
C GLN A 349 -15.34 19.41 -6.50
N THR A 350 -15.69 19.43 -5.22
CA THR A 350 -16.58 20.46 -4.72
C THR A 350 -15.91 21.83 -4.72
N GLY A 351 -14.67 21.90 -4.25
CA GLY A 351 -13.96 23.16 -4.24
C GLY A 351 -13.72 23.71 -5.64
N ILE A 352 -13.41 22.83 -6.59
CA ILE A 352 -13.21 23.27 -7.97
C ILE A 352 -14.50 23.83 -8.53
N LEU A 353 -15.62 23.16 -8.24
CA LEU A 353 -16.88 23.57 -8.86
C LEU A 353 -17.42 24.84 -8.21
N ASN A 354 -17.29 24.97 -6.89
CA ASN A 354 -17.70 26.21 -6.23
C ASN A 354 -16.79 27.36 -6.63
N TRP A 355 -15.51 27.09 -6.83
CA TRP A 355 -14.65 28.14 -7.34
C TRP A 355 -15.09 28.56 -8.74
N LEU A 356 -15.37 27.59 -9.61
CA LEU A 356 -15.81 27.93 -10.95
C LEU A 356 -17.11 28.73 -10.93
N GLN A 357 -18.00 28.43 -9.98
CA GLN A 357 -19.28 29.12 -9.92
C GLN A 357 -19.10 30.56 -9.43
N ASP A 358 -18.48 30.72 -8.26
CA ASP A 358 -18.34 32.06 -7.67
C ASP A 358 -17.52 33.00 -8.54
N ASP A 359 -16.34 32.56 -9.00
CA ASP A 359 -15.32 33.49 -9.45
C ASP A 359 -14.86 33.27 -10.89
N VAL A 360 -15.60 32.53 -11.71
CA VAL A 360 -15.25 32.45 -13.12
C VAL A 360 -16.50 32.63 -13.97
N PHE A 361 -17.64 32.11 -13.51
CA PHE A 361 -18.84 32.09 -14.31
C PHE A 361 -20.03 32.81 -13.69
N GLY A 362 -19.93 33.28 -12.45
CA GLY A 362 -21.04 33.96 -11.80
C GLY A 362 -20.61 35.13 -10.93
N LYS B 22 1.62 -10.19 20.44
CA LYS B 22 1.64 -10.59 19.05
C LYS B 22 2.55 -9.69 18.17
N PHE B 23 3.82 -10.09 18.06
CA PHE B 23 4.83 -9.44 17.24
C PHE B 23 5.05 -10.22 15.96
N MET B 24 5.42 -9.49 14.91
CA MET B 24 5.84 -10.06 13.62
C MET B 24 4.77 -10.96 13.04
N ARG B 25 3.52 -10.49 13.16
CA ARG B 25 2.33 -11.24 12.80
C ARG B 25 2.38 -11.72 11.36
N SER B 26 2.27 -13.04 11.17
CA SER B 26 2.09 -13.60 9.83
C SER B 26 0.86 -14.50 9.84
N ASP B 27 0.27 -14.70 8.68
CA ASP B 27 -0.84 -15.64 8.56
C ASP B 27 -0.42 -16.94 7.91
N LEU B 28 0.77 -17.00 7.31
CA LEU B 28 1.31 -18.22 6.75
C LEU B 28 1.88 -19.10 7.87
N ILE B 29 1.55 -20.39 7.85
CA ILE B 29 2.06 -21.25 8.91
C ILE B 29 3.55 -21.51 8.73
N ASP B 30 4.02 -21.62 7.51
CA ASP B 30 5.44 -21.76 7.24
C ASP B 30 6.24 -20.53 7.63
N GLU B 31 5.69 -19.57 8.37
CA GLU B 31 6.44 -18.40 8.78
C GLU B 31 6.57 -18.25 10.29
N ALA B 32 5.90 -19.11 11.08
CA ALA B 32 6.07 -19.14 12.53
C ALA B 32 7.43 -19.74 12.89
N LYS B 33 8.01 -19.26 13.99
CA LYS B 33 9.41 -19.59 14.29
C LYS B 33 9.61 -21.09 14.42
N GLU B 34 8.69 -21.76 15.14
CA GLU B 34 8.80 -23.20 15.37
C GLU B 34 8.86 -23.96 14.05
N VAL B 35 8.05 -23.54 13.08
CA VAL B 35 8.02 -24.24 11.79
C VAL B 35 9.26 -23.93 10.97
N VAL B 36 9.90 -22.79 11.20
CA VAL B 36 11.14 -22.52 10.48
C VAL B 36 12.30 -23.31 11.10
N GLN B 37 12.27 -23.55 12.41
CA GLN B 37 13.29 -24.39 12.99
C GLN B 37 13.05 -25.87 12.70
N HIS B 38 11.81 -26.33 12.84
CA HIS B 38 11.50 -27.72 12.45
C HIS B 38 11.93 -28.01 11.02
N ARG B 39 11.94 -26.99 10.17
CA ARG B 39 12.28 -27.20 8.76
C ARG B 39 13.79 -27.31 8.53
N THR B 40 14.60 -26.78 9.45
CA THR B 40 16.05 -26.89 9.35
C THR B 40 16.62 -28.03 10.19
N GLU B 41 15.97 -28.40 11.30
CA GLU B 41 16.27 -29.67 11.94
C GLU B 41 16.07 -30.82 10.95
N LYS B 42 15.08 -30.68 10.06
CA LYS B 42 14.60 -31.78 9.22
C LYS B 42 15.45 -32.01 7.97
N GLU B 43 15.78 -30.90 7.32
CA GLU B 43 16.54 -30.91 6.03
C GLU B 43 18.03 -31.06 6.32
N LYS B 44 18.38 -30.85 7.58
CA LYS B 44 19.77 -31.12 8.05
C LYS B 44 19.79 -32.62 8.33
N ASP B 45 19.01 -33.38 7.54
CA ASP B 45 18.77 -34.84 7.58
C ASP B 45 18.83 -35.40 9.00
N THR B 46 18.05 -34.81 9.90
CA THR B 46 17.98 -35.25 11.30
C THR B 46 16.56 -35.81 11.42
N LEU B 47 15.87 -35.44 12.49
CA LEU B 47 14.48 -35.87 12.76
C LEU B 47 14.06 -35.03 13.95
N HIS B 48 14.98 -34.96 14.92
CA HIS B 48 14.74 -34.25 16.17
C HIS B 48 14.07 -32.91 15.89
N GLU B 49 12.75 -32.88 16.09
CA GLU B 49 11.89 -31.70 15.99
C GLU B 49 11.84 -30.98 17.35
N THR B 50 10.62 -30.68 17.84
CA THR B 50 10.30 -30.40 19.25
C THR B 50 8.78 -30.33 19.41
N PRO B 51 8.04 -29.57 18.58
CA PRO B 51 6.63 -29.31 18.93
C PRO B 51 5.74 -30.55 18.96
N GLY B 52 5.91 -31.49 18.03
CA GLY B 52 4.88 -32.49 17.80
C GLY B 52 4.02 -32.07 16.63
N ILE B 53 4.66 -31.82 15.49
CA ILE B 53 4.00 -31.47 14.24
C ILE B 53 4.78 -32.15 13.11
N LYS B 54 4.07 -32.78 12.20
CA LYS B 54 4.70 -33.50 11.09
C LYS B 54 4.63 -32.65 9.84
N MET B 55 5.74 -32.63 9.09
CA MET B 55 5.92 -31.71 7.97
C MET B 55 6.71 -32.41 6.87
N LYS B 56 6.02 -32.87 5.84
CA LYS B 56 6.69 -33.37 4.65
C LYS B 56 6.78 -32.26 3.61
N GLU B 57 7.95 -32.13 2.98
CA GLU B 57 8.18 -31.26 1.85
C GLU B 57 8.04 -32.04 0.55
N ASP B 58 8.04 -31.30 -0.55
CA ASP B 58 7.88 -31.87 -1.88
C ASP B 58 7.92 -30.76 -2.93
N ARG B 59 8.41 -31.09 -4.13
CA ARG B 59 8.37 -30.19 -5.25
C ARG B 59 7.84 -30.94 -6.46
N ASN B 60 6.91 -30.31 -7.19
CA ASN B 60 6.29 -30.87 -8.39
C ASN B 60 6.52 -29.87 -9.52
N GLY B 61 7.61 -30.05 -10.25
CA GLY B 61 7.96 -29.10 -11.29
C GLY B 61 8.46 -27.80 -10.69
N ARG B 62 7.73 -26.73 -10.89
CA ARG B 62 8.09 -25.43 -10.35
C ARG B 62 7.37 -25.08 -9.06
N VAL B 63 6.52 -25.98 -8.56
CA VAL B 63 5.72 -25.75 -7.35
C VAL B 63 6.35 -26.46 -6.17
N HIS B 64 6.62 -25.72 -5.09
CA HIS B 64 7.11 -26.31 -3.85
C HIS B 64 5.93 -26.54 -2.93
N ILE B 65 5.63 -27.80 -2.66
CA ILE B 65 4.53 -28.17 -1.79
C ILE B 65 5.06 -28.39 -0.38
N THR B 66 4.28 -27.98 0.61
CA THR B 66 4.64 -28.10 2.02
C THR B 66 3.39 -28.62 2.72
N HIS B 67 3.40 -29.91 3.03
CA HIS B 67 2.35 -30.51 3.83
C HIS B 67 2.77 -30.40 5.29
N ILE B 68 1.89 -29.84 6.11
CA ILE B 68 2.19 -29.62 7.52
C ILE B 68 0.97 -30.07 8.31
N ASP B 69 1.21 -30.76 9.42
CA ASP B 69 0.14 -31.28 10.24
C ASP B 69 0.39 -30.89 11.69
N VAL B 70 -0.67 -30.42 12.36
CA VAL B 70 -0.59 -29.91 13.71
C VAL B 70 -1.55 -30.73 14.55
N ASP B 71 -1.02 -31.50 15.50
CA ASP B 71 -1.88 -32.11 16.50
C ASP B 71 -2.17 -31.10 17.60
N GLU B 72 -2.89 -31.53 18.65
CA GLU B 72 -3.18 -30.57 19.71
C GLU B 72 -1.93 -30.17 20.48
N SER B 73 -0.88 -31.00 20.48
CA SER B 73 0.38 -30.59 21.09
C SER B 73 1.00 -29.45 20.30
N GLY B 74 1.01 -29.57 18.97
CA GLY B 74 1.44 -28.45 18.15
C GLY B 74 0.61 -27.21 18.36
N ALA B 75 -0.72 -27.37 18.46
CA ALA B 75 -1.63 -26.23 18.48
C ALA B 75 -1.27 -25.22 19.57
N GLU B 76 -1.12 -25.68 20.81
CA GLU B 76 -0.86 -24.76 21.92
C GLU B 76 0.59 -24.31 21.98
N SER B 77 1.53 -25.08 21.42
CA SER B 77 2.93 -24.64 21.38
C SER B 77 3.08 -23.40 20.52
N ILE B 78 2.53 -23.44 19.30
CA ILE B 78 2.78 -22.41 18.29
C ILE B 78 1.69 -21.35 18.22
N GLY B 79 0.50 -21.61 18.77
CA GLY B 79 -0.57 -20.64 18.66
C GLY B 79 -1.19 -20.65 17.28
N LYS B 80 -1.48 -21.85 16.78
CA LYS B 80 -2.15 -22.05 15.51
C LYS B 80 -3.04 -23.28 15.61
N LYS B 81 -4.21 -23.23 14.98
CA LYS B 81 -5.20 -24.27 15.22
C LYS B 81 -4.72 -25.62 14.70
N LYS B 82 -5.28 -26.68 15.29
CA LYS B 82 -4.92 -28.04 14.93
C LYS B 82 -5.53 -28.41 13.59
N GLY B 83 -4.72 -28.97 12.70
CA GLY B 83 -5.26 -29.40 11.41
C GLY B 83 -4.15 -29.63 10.39
N THR B 84 -4.48 -29.38 9.12
CA THR B 84 -3.58 -29.62 8.00
C THR B 84 -3.37 -28.35 7.17
N TYR B 85 -2.14 -28.15 6.69
CA TYR B 85 -1.72 -26.92 6.03
C TYR B 85 -0.88 -27.25 4.80
N ILE B 86 -1.49 -27.28 3.62
CA ILE B 86 -0.73 -27.39 2.38
C ILE B 86 -0.40 -25.99 1.88
N THR B 87 0.87 -25.75 1.59
CA THR B 87 1.34 -24.44 1.13
C THR B 87 2.09 -24.62 -0.19
N LEU B 88 1.48 -24.19 -1.28
CA LEU B 88 2.09 -24.24 -2.60
C LEU B 88 2.77 -22.91 -2.88
N THR B 89 3.91 -22.96 -3.59
CA THR B 89 4.70 -21.76 -3.80
C THR B 89 5.52 -21.85 -5.07
N VAL B 90 5.41 -20.84 -5.92
CA VAL B 90 6.28 -20.72 -7.07
C VAL B 90 7.14 -19.49 -6.84
N PRO B 91 8.35 -19.64 -6.33
CA PRO B 91 9.14 -18.46 -5.93
C PRO B 91 9.43 -17.48 -7.05
N THR B 92 9.51 -17.91 -8.31
CA THR B 92 9.78 -16.97 -9.40
C THR B 92 8.52 -16.52 -10.12
N LEU B 93 7.35 -16.67 -9.50
CA LEU B 93 6.09 -16.33 -10.14
C LEU B 93 5.97 -14.84 -10.42
N THR B 94 5.49 -14.51 -11.61
CA THR B 94 5.09 -13.15 -11.97
C THR B 94 3.70 -13.23 -12.62
N VAL B 95 3.10 -12.07 -12.91
CA VAL B 95 1.76 -12.12 -13.49
C VAL B 95 1.79 -12.73 -14.88
N GLU B 96 2.84 -12.44 -15.67
CA GLU B 96 2.94 -12.99 -17.03
C GLU B 96 3.28 -14.47 -17.05
N ASP B 97 3.52 -15.08 -15.89
CA ASP B 97 4.03 -16.45 -15.81
C ASP B 97 2.89 -17.42 -16.07
N ALA B 98 2.63 -17.65 -17.36
CA ALA B 98 1.57 -18.56 -17.76
C ALA B 98 1.80 -19.96 -17.21
N GLN B 99 2.99 -20.53 -17.48
CA GLN B 99 3.30 -21.90 -17.06
C GLN B 99 3.31 -22.02 -15.54
N GLY B 100 3.98 -21.08 -14.86
CA GLY B 100 3.92 -21.07 -13.41
C GLY B 100 2.51 -21.08 -12.89
N PHE B 101 1.61 -20.33 -13.53
CA PHE B 101 0.26 -20.26 -13.01
C PHE B 101 -0.51 -21.56 -13.26
N GLN B 102 -0.17 -22.28 -14.32
CA GLN B 102 -0.94 -23.49 -14.60
C GLN B 102 -0.53 -24.67 -13.70
N GLU B 103 0.78 -24.94 -13.55
CA GLU B 103 1.17 -25.97 -12.59
C GLU B 103 0.62 -25.67 -11.21
N LEU B 104 0.62 -24.39 -10.84
CA LEU B 104 0.00 -23.95 -9.60
C LEU B 104 -1.45 -24.43 -9.51
N ASN B 105 -2.15 -24.40 -10.64
CA ASN B 105 -3.58 -24.73 -10.64
C ASN B 105 -3.81 -26.22 -10.48
N GLN B 106 -3.05 -27.05 -11.21
CA GLN B 106 -3.17 -28.50 -11.06
C GLN B 106 -2.80 -28.93 -9.66
N GLN B 107 -1.69 -28.41 -9.14
CA GLN B 107 -1.31 -28.68 -7.76
C GLN B 107 -2.39 -28.23 -6.78
N LEU B 108 -3.14 -27.19 -7.11
CA LEU B 108 -4.21 -26.74 -6.23
C LEU B 108 -5.38 -27.72 -6.23
N ILE B 109 -5.78 -28.21 -7.40
CA ILE B 109 -6.82 -29.23 -7.49
C ILE B 109 -6.40 -30.46 -6.70
N SER B 110 -5.17 -30.93 -6.94
CA SER B 110 -4.64 -32.09 -6.25
C SER B 110 -4.68 -31.90 -4.74
N SER B 111 -4.14 -30.79 -4.26
CA SER B 111 -4.20 -30.50 -2.83
C SER B 111 -5.63 -30.44 -2.34
N LEU B 112 -6.57 -30.09 -3.21
CA LEU B 112 -7.95 -29.91 -2.77
C LEU B 112 -8.66 -31.25 -2.56
N LYS B 113 -8.32 -32.26 -3.37
CA LYS B 113 -8.88 -33.59 -3.16
C LYS B 113 -8.27 -34.24 -1.92
N ASP B 114 -6.96 -34.11 -1.74
CA ASP B 114 -6.29 -34.71 -0.58
C ASP B 114 -6.83 -34.15 0.73
N ILE B 115 -6.83 -32.82 0.88
CA ILE B 115 -7.31 -32.22 2.11
C ILE B 115 -8.77 -32.55 2.35
N HIS B 116 -9.51 -32.95 1.31
CA HIS B 116 -10.93 -33.23 1.45
C HIS B 116 -11.29 -34.68 1.21
N GLN B 117 -10.32 -35.56 0.93
CA GLN B 117 -10.65 -36.98 0.79
C GLN B 117 -11.07 -37.59 2.12
N ALA B 118 -10.58 -37.06 3.25
CA ALA B 118 -11.12 -37.49 4.53
C ALA B 118 -12.63 -37.23 4.58
N LEU B 119 -13.05 -36.08 4.07
CA LEU B 119 -14.47 -35.89 3.76
C LEU B 119 -14.83 -36.81 2.59
N MET B 120 -15.99 -37.43 2.65
CA MET B 120 -16.38 -38.31 1.55
C MET B 120 -17.60 -37.68 0.87
N LEU B 121 -17.32 -36.68 0.05
CA LEU B 121 -18.35 -35.89 -0.60
C LEU B 121 -18.76 -36.52 -1.93
N THR B 122 -20.05 -36.50 -2.19
CA THR B 122 -20.70 -37.12 -3.33
C THR B 122 -21.37 -36.05 -4.20
N ASP B 123 -21.99 -36.49 -5.29
CA ASP B 123 -22.73 -35.55 -6.12
C ASP B 123 -23.95 -34.98 -5.42
N GLN B 124 -24.23 -35.37 -4.18
CA GLN B 124 -25.39 -34.87 -3.46
C GLN B 124 -24.98 -33.99 -2.27
N SER B 125 -23.69 -33.71 -2.10
CA SER B 125 -23.28 -32.81 -1.03
C SER B 125 -23.30 -31.37 -1.52
N LYS B 126 -23.52 -30.45 -0.57
CA LYS B 126 -23.67 -29.03 -0.87
C LYS B 126 -22.39 -28.28 -0.45
N ILE B 127 -21.78 -27.59 -1.42
CA ILE B 127 -20.56 -26.82 -1.24
C ILE B 127 -20.90 -25.33 -1.31
N LEU B 128 -20.61 -24.61 -0.22
CA LEU B 128 -20.75 -23.16 -0.16
C LEU B 128 -19.36 -22.53 -0.26
N VAL B 129 -19.15 -21.71 -1.29
CA VAL B 129 -17.89 -20.97 -1.46
C VAL B 129 -18.09 -19.53 -1.03
N ILE B 130 -17.17 -19.00 -0.23
CA ILE B 130 -17.27 -17.68 0.38
C ILE B 130 -16.03 -16.89 0.01
N GLY B 131 -16.24 -15.68 -0.53
CA GLY B 131 -15.14 -14.76 -0.77
C GLY B 131 -15.15 -13.65 0.26
N LEU B 132 -14.17 -13.64 1.15
CA LEU B 132 -14.06 -12.56 2.13
C LEU B 132 -13.22 -11.42 1.58
N GLY B 133 -13.48 -10.22 2.08
CA GLY B 133 -12.70 -9.07 1.72
C GLY B 133 -13.51 -7.86 1.28
N ASN B 134 -12.87 -6.70 1.38
CA ASN B 134 -13.43 -5.43 0.93
C ASN B 134 -12.98 -5.18 -0.51
N ARG B 135 -13.94 -5.08 -1.42
CA ARG B 135 -13.62 -4.92 -2.84
C ARG B 135 -12.82 -3.65 -3.12
N THR B 136 -13.06 -2.57 -2.38
CA THR B 136 -12.41 -1.30 -2.69
C THR B 136 -11.01 -1.15 -2.09
N ILE B 137 -10.49 -2.18 -1.40
CA ILE B 137 -9.09 -2.21 -0.95
C ILE B 137 -8.38 -3.23 -1.84
N THR B 138 -7.45 -2.77 -2.70
CA THR B 138 -6.96 -3.60 -3.79
C THR B 138 -6.55 -5.00 -3.33
N PRO B 139 -5.57 -5.17 -2.42
CA PRO B 139 -5.13 -6.54 -2.12
C PRO B 139 -6.18 -7.37 -1.39
N ASP B 140 -7.13 -6.72 -0.70
CA ASP B 140 -8.25 -7.38 -0.04
C ASP B 140 -9.34 -7.84 -1.00
N ALA B 141 -9.19 -7.62 -2.29
CA ALA B 141 -10.24 -7.93 -3.26
C ALA B 141 -10.18 -9.37 -3.76
N ILE B 142 -9.13 -10.12 -3.42
CA ILE B 142 -8.99 -11.54 -3.78
C ILE B 142 -10.30 -12.28 -3.62
N GLY B 143 -10.89 -12.20 -2.44
CA GLY B 143 -12.13 -12.88 -2.15
C GLY B 143 -13.27 -12.54 -3.10
N PRO B 144 -13.72 -11.28 -3.10
CA PRO B 144 -14.89 -10.94 -3.94
C PRO B 144 -14.62 -11.06 -5.42
N VAL B 145 -13.42 -10.77 -5.90
CA VAL B 145 -13.14 -10.93 -7.33
C VAL B 145 -13.15 -12.41 -7.71
N ALA B 146 -12.77 -13.28 -6.77
CA ALA B 146 -12.83 -14.72 -7.03
C ALA B 146 -14.28 -15.19 -7.16
N ILE B 147 -15.16 -14.75 -6.26
CA ILE B 147 -16.58 -15.11 -6.37
C ILE B 147 -17.16 -14.64 -7.71
N ASP B 148 -16.86 -13.39 -8.10
CA ASP B 148 -17.24 -12.89 -9.42
C ASP B 148 -16.84 -13.86 -10.51
N ARG B 149 -15.55 -14.19 -10.57
CA ARG B 149 -15.08 -15.06 -11.64
C ARG B 149 -15.64 -16.47 -11.49
N PHE B 150 -15.83 -16.94 -10.26
CA PHE B 150 -16.48 -18.22 -10.00
C PHE B 150 -17.88 -18.25 -10.60
N HIS B 151 -18.70 -17.29 -10.21
CA HIS B 151 -20.01 -17.08 -10.82
C HIS B 151 -19.96 -17.15 -12.35
N GLU B 152 -19.03 -16.42 -12.96
CA GLU B 152 -18.94 -16.42 -14.42
C GLU B 152 -18.67 -17.81 -14.96
N ALA B 153 -17.75 -18.54 -14.32
CA ALA B 153 -17.38 -19.86 -14.83
C ALA B 153 -18.56 -20.82 -14.76
N ILE B 154 -19.30 -20.80 -13.65
CA ILE B 154 -20.42 -21.72 -13.48
C ILE B 154 -21.46 -21.50 -14.58
N PHE B 155 -21.95 -20.26 -14.74
CA PHE B 155 -22.93 -20.04 -15.79
C PHE B 155 -22.32 -20.05 -17.19
N SER B 156 -20.99 -20.00 -17.31
CA SER B 156 -20.39 -20.35 -18.59
C SER B 156 -20.46 -21.86 -18.81
N SER B 157 -20.45 -22.64 -17.73
CA SER B 157 -20.52 -24.10 -17.84
C SER B 157 -21.98 -24.56 -18.00
N PRO B 158 -22.27 -25.43 -18.98
CA PRO B 158 -23.62 -26.04 -19.05
C PRO B 158 -24.02 -26.75 -17.77
N ILE B 159 -23.06 -27.15 -16.93
CA ILE B 159 -23.39 -27.82 -15.69
C ILE B 159 -24.12 -26.84 -14.76
N GLU B 160 -25.24 -27.30 -14.20
CA GLU B 160 -26.04 -26.45 -13.31
C GLU B 160 -25.23 -26.01 -12.10
N PHE B 161 -24.49 -26.94 -11.51
CA PHE B 161 -23.77 -26.74 -10.25
C PHE B 161 -24.70 -26.26 -9.13
N GLY B 162 -25.99 -26.61 -9.17
CA GLY B 162 -26.93 -26.24 -8.13
C GLY B 162 -26.55 -26.76 -6.74
N GLN B 163 -25.62 -27.70 -6.66
CA GLN B 163 -25.05 -28.11 -5.39
C GLN B 163 -23.85 -27.25 -4.99
N VAL B 164 -23.63 -26.14 -5.68
CA VAL B 164 -22.59 -25.17 -5.39
C VAL B 164 -23.25 -23.82 -5.25
N VAL B 165 -23.23 -23.25 -4.05
CA VAL B 165 -23.68 -21.89 -3.81
C VAL B 165 -22.49 -21.05 -3.36
N TYR B 166 -22.62 -19.73 -3.51
CA TYR B 166 -21.45 -18.87 -3.28
C TYR B 166 -21.89 -17.44 -2.98
N TYR B 167 -21.02 -16.73 -2.25
CA TYR B 167 -21.33 -15.37 -1.85
C TYR B 167 -20.05 -14.64 -1.52
N ALA B 168 -20.10 -13.32 -1.66
CA ALA B 168 -19.03 -12.44 -1.21
C ALA B 168 -19.70 -11.40 -0.33
N PRO B 169 -19.60 -11.54 1.00
CA PRO B 169 -20.37 -10.68 1.90
C PRO B 169 -19.79 -9.29 2.05
N GLY B 170 -18.56 -9.06 1.58
CA GLY B 170 -17.96 -7.75 1.71
C GLY B 170 -17.75 -7.36 3.17
N VAL B 171 -18.02 -6.10 3.47
CA VAL B 171 -17.78 -5.55 4.83
C VAL B 171 -19.09 -5.70 5.58
N THR B 172 -19.29 -6.91 6.13
CA THR B 172 -20.51 -7.22 6.86
C THR B 172 -20.73 -6.30 8.06
N GLY B 173 -19.66 -5.63 8.53
CA GLY B 173 -19.80 -4.74 9.67
C GLY B 173 -20.82 -3.63 9.46
N GLN B 174 -20.96 -3.15 8.22
CA GLN B 174 -21.86 -2.02 7.97
C GLN B 174 -23.31 -2.39 8.26
N THR B 175 -23.64 -3.67 8.19
CA THR B 175 -24.98 -4.13 8.48
C THR B 175 -25.17 -4.45 9.97
N GLY B 176 -24.11 -4.29 10.77
CA GLY B 176 -24.19 -4.65 12.17
C GLY B 176 -24.05 -6.13 12.41
N LEU B 177 -23.33 -6.83 11.55
CA LEU B 177 -23.07 -8.24 11.73
C LEU B 177 -21.58 -8.50 11.53
N GLU B 178 -21.04 -9.42 12.33
CA GLU B 178 -19.67 -9.82 12.13
C GLU B 178 -19.60 -10.87 11.03
N THR B 179 -18.43 -11.00 10.41
CA THR B 179 -18.33 -11.90 9.27
C THR B 179 -18.65 -13.34 9.68
N GLY B 180 -18.22 -13.75 10.87
CA GLY B 180 -18.64 -15.02 11.44
C GLY B 180 -20.15 -15.23 11.48
N GLU B 181 -20.88 -14.35 12.19
CA GLU B 181 -22.34 -14.44 12.21
C GLU B 181 -22.92 -14.54 10.80
N PHE B 182 -22.53 -13.58 9.94
CA PHE B 182 -23.01 -13.52 8.56
C PHE B 182 -22.90 -14.88 7.89
N VAL B 183 -21.68 -15.43 7.82
CA VAL B 183 -21.47 -16.71 7.15
C VAL B 183 -22.34 -17.78 7.78
N ARG B 184 -22.54 -17.70 9.11
CA ARG B 184 -23.37 -18.68 9.80
C ARG B 184 -24.84 -18.53 9.42
N ALA B 185 -25.33 -17.29 9.32
CA ALA B 185 -26.72 -17.06 8.91
C ALA B 185 -26.99 -17.64 7.52
N ILE B 186 -25.99 -17.66 6.65
CA ILE B 186 -26.18 -18.32 5.36
C ILE B 186 -26.07 -19.83 5.51
N SER B 187 -25.01 -20.26 6.19
CA SER B 187 -24.74 -21.69 6.36
C SER B 187 -25.85 -22.36 7.15
N GLU B 188 -26.43 -21.66 8.13
CA GLU B 188 -27.57 -22.20 8.85
C GLU B 188 -28.71 -22.57 7.90
N ARG B 189 -28.91 -21.78 6.85
CA ARG B 189 -30.08 -21.96 6.00
C ARG B 189 -29.76 -22.82 4.78
N VAL B 190 -28.64 -22.57 4.11
CA VAL B 190 -28.24 -23.44 3.02
C VAL B 190 -27.80 -24.81 3.52
N LYS B 191 -27.43 -24.92 4.81
CA LYS B 191 -26.99 -26.14 5.47
C LYS B 191 -25.94 -26.88 4.65
N PRO B 192 -24.74 -26.33 4.50
CA PRO B 192 -23.75 -26.93 3.62
C PRO B 192 -23.04 -28.08 4.30
N ASP B 193 -22.35 -28.88 3.48
CA ASP B 193 -21.47 -29.93 3.97
C ASP B 193 -20.00 -29.55 3.91
N LEU B 194 -19.63 -28.58 3.07
CA LEU B 194 -18.30 -27.98 3.09
C LEU B 194 -18.46 -26.49 2.90
N ILE B 195 -17.54 -25.72 3.48
CA ILE B 195 -17.45 -24.29 3.24
C ILE B 195 -16.01 -23.98 2.87
N ILE B 196 -15.80 -23.55 1.61
CA ILE B 196 -14.50 -23.08 1.14
C ILE B 196 -14.49 -21.57 1.22
N VAL B 197 -13.54 -21.01 1.98
CA VAL B 197 -13.40 -19.55 2.11
C VAL B 197 -12.14 -19.11 1.38
N ILE B 198 -12.29 -18.12 0.48
CA ILE B 198 -11.18 -17.46 -0.18
C ILE B 198 -10.95 -16.12 0.50
N ASP B 199 -9.69 -15.76 0.69
CA ASP B 199 -9.36 -14.57 1.46
C ASP B 199 -7.89 -14.22 1.25
N ALA B 200 -7.56 -12.95 1.46
CA ALA B 200 -6.20 -12.47 1.35
C ALA B 200 -5.55 -12.47 2.72
N LEU B 201 -4.27 -12.85 2.77
CA LEU B 201 -3.54 -13.04 4.01
C LEU B 201 -2.46 -11.98 4.16
N ALA B 202 -2.16 -11.67 5.42
CA ALA B 202 -0.97 -10.90 5.76
C ALA B 202 0.18 -11.86 5.99
N ALA B 203 1.34 -11.51 5.47
CA ALA B 203 2.56 -12.28 5.59
C ALA B 203 3.60 -11.43 6.27
N ARG B 204 4.79 -11.96 6.35
CA ARG B 204 5.82 -11.35 7.15
C ARG B 204 7.06 -11.04 6.35
N ASN B 205 7.29 -11.76 5.25
CA ASN B 205 8.36 -11.48 4.33
C ASN B 205 7.77 -11.02 3.00
N GLN B 206 8.15 -9.81 2.57
CA GLN B 206 7.53 -9.21 1.39
C GLN B 206 7.67 -10.11 0.15
N ASP B 207 8.81 -10.81 0.01
CA ASP B 207 9.02 -11.65 -1.17
C ASP B 207 8.13 -12.89 -1.20
N ARG B 208 7.30 -13.10 -0.19
CA ARG B 208 6.31 -14.14 -0.25
C ARG B 208 5.03 -13.69 -0.91
N LEU B 209 4.86 -12.38 -1.11
CA LEU B 209 3.58 -11.82 -1.49
C LEU B 209 3.18 -12.28 -2.88
N CYS B 210 1.95 -12.81 -2.97
CA CYS B 210 1.32 -13.26 -4.23
C CYS B 210 2.06 -14.42 -4.89
N LYS B 211 2.81 -15.23 -4.14
CA LYS B 211 3.49 -16.37 -4.74
C LYS B 211 3.21 -17.67 -4.01
N SER B 212 2.20 -17.70 -3.15
CA SER B 212 1.84 -18.90 -2.41
C SER B 212 0.34 -18.98 -2.26
N LEU B 213 -0.18 -20.19 -2.27
CA LEU B 213 -1.51 -20.47 -1.75
C LEU B 213 -1.37 -21.27 -0.46
N GLN B 214 -2.31 -21.04 0.46
CA GLN B 214 -2.33 -21.78 1.71
C GLN B 214 -3.72 -22.37 1.85
N ILE B 215 -3.81 -23.68 1.67
CA ILE B 215 -5.04 -24.42 1.87
C ILE B 215 -4.99 -25.08 3.24
N THR B 216 -6.09 -25.01 3.98
CA THR B 216 -6.11 -25.57 5.31
C THR B 216 -7.55 -25.78 5.77
N ASN B 217 -7.79 -26.93 6.40
CA ASN B 217 -9.09 -27.25 6.97
C ASN B 217 -9.31 -26.64 8.33
N THR B 218 -8.40 -25.76 8.76
CA THR B 218 -8.57 -24.98 9.98
C THR B 218 -9.44 -23.74 9.79
N GLY B 219 -9.87 -23.45 8.54
CA GLY B 219 -10.72 -22.30 8.29
C GLY B 219 -9.98 -20.99 8.44
N ILE B 220 -10.70 -19.96 8.87
CA ILE B 220 -10.15 -18.60 8.95
C ILE B 220 -9.86 -18.32 10.42
N HIS B 221 -8.58 -18.15 10.74
CA HIS B 221 -8.15 -17.91 12.11
C HIS B 221 -8.54 -16.51 12.58
N PRO B 222 -8.81 -16.34 13.86
CA PRO B 222 -9.14 -14.99 14.36
C PRO B 222 -7.98 -14.04 14.14
N GLY B 223 -8.32 -12.79 13.85
CA GLY B 223 -7.30 -11.77 13.63
C GLY B 223 -6.41 -11.94 12.42
N SER B 224 -6.77 -12.79 11.45
CA SER B 224 -6.02 -12.82 10.20
C SER B 224 -6.53 -11.74 9.26
N GLY B 225 -5.88 -11.59 8.10
CA GLY B 225 -6.31 -10.68 7.06
C GLY B 225 -5.60 -9.34 7.08
N VAL B 226 -5.88 -8.52 6.05
CA VAL B 226 -5.29 -7.19 5.94
C VAL B 226 -5.59 -6.37 7.19
N GLY B 227 -6.85 -6.40 7.63
CA GLY B 227 -7.28 -5.61 8.77
C GLY B 227 -6.86 -6.16 10.09
N ASN B 228 -6.28 -7.37 10.12
CA ASN B 228 -5.89 -8.03 11.36
C ASN B 228 -7.07 -8.08 12.33
N SER B 229 -8.17 -8.68 11.86
CA SER B 229 -9.45 -8.55 12.54
C SER B 229 -10.51 -9.55 12.04
N ARG B 230 -10.10 -10.54 11.24
CA ARG B 230 -11.07 -11.54 10.82
C ARG B 230 -11.61 -12.28 12.04
N ASN B 231 -12.90 -12.60 12.02
CA ASN B 231 -13.45 -13.52 13.01
C ASN B 231 -13.16 -14.95 12.60
N GLU B 232 -13.08 -15.83 13.59
CA GLU B 232 -12.92 -17.24 13.31
C GLU B 232 -14.11 -17.76 12.49
N ILE B 233 -13.80 -18.41 11.37
CA ILE B 233 -14.77 -19.23 10.65
C ILE B 233 -14.14 -20.60 10.54
N SER B 234 -14.63 -21.54 11.34
CA SER B 234 -13.99 -22.83 11.51
C SER B 234 -15.04 -23.93 11.59
N PHE B 235 -14.56 -25.17 11.54
CA PHE B 235 -15.35 -26.30 12.00
C PHE B 235 -15.92 -26.05 13.40
N GLU B 236 -15.06 -25.55 14.29
CA GLU B 236 -15.40 -25.32 15.68
C GLU B 236 -16.30 -24.11 15.90
N SER B 237 -16.49 -23.27 14.88
CA SER B 237 -17.28 -22.06 15.01
C SER B 237 -18.71 -22.21 14.46
N LEU B 238 -18.94 -23.10 13.50
CA LEU B 238 -20.27 -23.25 12.94
C LEU B 238 -20.62 -24.69 12.64
N GLY B 239 -19.75 -25.64 12.96
CA GLY B 239 -20.07 -27.04 12.85
C GLY B 239 -20.07 -27.60 11.45
N VAL B 240 -19.58 -26.87 10.47
CA VAL B 240 -19.43 -27.42 9.13
C VAL B 240 -17.92 -27.45 8.86
N PRO B 241 -17.41 -28.41 8.10
CA PRO B 241 -16.03 -28.29 7.59
C PRO B 241 -15.80 -26.94 6.90
N VAL B 242 -14.68 -26.31 7.21
CA VAL B 242 -14.35 -24.99 6.70
C VAL B 242 -12.91 -25.05 6.18
N THR B 243 -12.74 -24.97 4.86
CA THR B 243 -11.42 -24.97 4.24
C THR B 243 -11.10 -23.59 3.69
N ALA B 244 -9.97 -23.02 4.11
CA ALA B 244 -9.53 -21.71 3.67
C ALA B 244 -8.52 -21.84 2.54
N ILE B 245 -8.66 -20.99 1.54
CA ILE B 245 -7.65 -20.80 0.50
C ILE B 245 -7.20 -19.35 0.60
N GLY B 246 -5.95 -19.13 0.99
CA GLY B 246 -5.44 -17.80 1.27
C GLY B 246 -4.28 -17.46 0.36
N VAL B 247 -4.22 -16.19 -0.04
CA VAL B 247 -3.06 -15.65 -0.74
C VAL B 247 -2.47 -14.57 0.14
N PRO B 248 -1.19 -14.63 0.46
CA PRO B 248 -0.54 -13.55 1.21
C PRO B 248 -0.39 -12.35 0.26
N MET B 249 -1.03 -11.23 0.63
CA MET B 249 -1.07 -10.07 -0.24
C MET B 249 -0.50 -8.80 0.37
N VAL B 250 -0.38 -8.72 1.68
CA VAL B 250 0.12 -7.53 2.36
C VAL B 250 1.15 -7.94 3.41
N VAL B 251 1.92 -6.95 3.84
CA VAL B 251 2.70 -7.00 5.05
C VAL B 251 2.30 -5.79 5.87
N ASP B 252 2.15 -5.97 7.18
CA ASP B 252 1.91 -4.84 8.06
C ASP B 252 3.16 -3.96 8.13
N ALA B 253 2.96 -2.64 8.27
CA ALA B 253 4.09 -1.72 8.07
C ALA B 253 5.20 -1.95 9.08
N PRO B 254 4.95 -2.07 10.40
CA PRO B 254 6.09 -2.26 11.34
C PRO B 254 6.79 -3.57 11.11
N VAL B 255 6.05 -4.60 10.73
CA VAL B 255 6.65 -5.88 10.40
C VAL B 255 7.63 -5.72 9.26
N LEU B 256 7.22 -4.95 8.24
CA LEU B 256 8.09 -4.69 7.10
C LEU B 256 9.34 -3.95 7.50
N VAL B 257 9.22 -2.93 8.37
CA VAL B 257 10.39 -2.21 8.83
C VAL B 257 11.40 -3.17 9.47
N VAL B 258 10.91 -4.04 10.37
CA VAL B 258 11.79 -4.96 11.10
C VAL B 258 12.52 -5.88 10.15
N GLU B 259 11.77 -6.51 9.22
CA GLU B 259 12.42 -7.37 8.23
C GLU B 259 13.45 -6.62 7.39
N ALA B 260 13.19 -5.34 7.09
CA ALA B 260 14.11 -4.58 6.25
C ALA B 260 15.41 -4.29 7.00
N ILE B 261 15.30 -3.85 8.26
CA ILE B 261 16.47 -3.63 9.12
C ILE B 261 17.28 -4.93 9.27
N GLU B 262 16.60 -6.05 9.54
CA GLU B 262 17.29 -7.34 9.58
C GLU B 262 18.01 -7.64 8.26
N THR B 263 17.39 -7.26 7.13
CA THR B 263 18.02 -7.53 5.83
C THR B 263 19.26 -6.67 5.62
N VAL B 264 19.20 -5.40 6.01
CA VAL B 264 20.42 -4.59 6.03
C VAL B 264 21.52 -5.33 6.79
N PHE B 265 21.21 -5.79 8.01
CA PHE B 265 22.22 -6.45 8.86
C PHE B 265 22.79 -7.69 8.18
N LYS B 266 21.91 -8.59 7.72
CA LYS B 266 22.40 -9.84 7.15
C LYS B 266 23.20 -9.59 5.88
N VAL B 267 22.76 -8.67 5.03
CA VAL B 267 23.46 -8.41 3.77
C VAL B 267 24.82 -7.78 4.03
N ILE B 268 24.87 -6.72 4.84
CA ILE B 268 26.15 -6.08 5.13
C ILE B 268 27.08 -7.06 5.84
N SER B 269 26.54 -7.87 6.75
CA SER B 269 27.38 -8.81 7.50
C SER B 269 28.03 -9.82 6.56
N SER B 270 27.21 -10.47 5.73
CA SER B 270 27.72 -11.47 4.80
C SER B 270 28.73 -10.86 3.81
N GLN B 271 28.46 -9.65 3.32
CA GLN B 271 29.39 -8.99 2.42
C GLN B 271 30.75 -8.76 3.06
N ILE B 272 30.83 -8.77 4.39
CA ILE B 272 32.10 -8.62 5.08
C ILE B 272 32.91 -9.91 4.99
N GLY B 273 32.26 -11.05 5.24
CA GLY B 273 32.91 -12.34 5.09
C GLY B 273 32.11 -13.51 5.62
N PRO B 294 23.99 -16.57 9.31
CA PRO B 294 24.94 -16.22 10.38
C PRO B 294 25.35 -14.73 10.35
N ILE B 295 24.86 -13.91 11.29
CA ILE B 295 25.16 -12.47 11.30
C ILE B 295 26.40 -12.21 12.14
N ASN B 296 27.31 -11.40 11.60
CA ASN B 296 28.56 -11.08 12.29
C ASN B 296 28.34 -9.77 13.06
N VAL B 297 27.85 -9.90 14.30
CA VAL B 297 27.44 -8.76 15.10
C VAL B 297 28.63 -7.85 15.42
N ASP B 298 29.80 -8.43 15.70
CA ASP B 298 30.94 -7.60 16.11
C ASP B 298 31.45 -6.72 14.97
N ALA B 299 31.36 -7.18 13.72
CA ALA B 299 31.88 -6.39 12.62
C ALA B 299 30.94 -5.26 12.26
N ILE B 300 29.63 -5.47 12.35
CA ILE B 300 28.70 -4.46 11.90
C ILE B 300 28.19 -3.58 13.03
N LYS B 301 28.44 -3.96 14.28
CA LYS B 301 27.89 -3.19 15.39
C LYS B 301 28.35 -1.74 15.41
N PRO B 302 29.61 -1.41 15.11
CA PRO B 302 29.99 0.02 15.13
C PRO B 302 29.34 0.86 14.03
N ILE B 303 29.00 0.28 12.87
CA ILE B 303 28.22 1.04 11.91
C ILE B 303 26.75 1.02 12.26
N PHE B 304 26.19 -0.16 12.52
CA PHE B 304 24.74 -0.32 12.56
C PHE B 304 24.16 -0.46 13.95
N GLY B 305 24.99 -0.53 14.98
CA GLY B 305 24.52 -0.40 16.35
C GLY B 305 24.29 -1.73 17.03
N GLU B 306 24.05 -1.63 18.35
CA GLU B 306 23.91 -2.82 19.18
C GLU B 306 22.70 -3.68 18.81
N TRP B 307 21.62 -3.08 18.32
CA TRP B 307 20.44 -3.85 17.97
C TRP B 307 20.70 -4.78 16.78
N THR B 308 21.94 -4.79 16.26
CA THR B 308 22.27 -5.81 15.28
C THR B 308 22.21 -7.19 15.89
N ALA B 309 22.32 -7.29 17.21
CA ALA B 309 22.30 -8.57 17.91
C ALA B 309 20.92 -8.97 18.41
N TRP B 310 19.92 -8.07 18.33
CA TRP B 310 18.61 -8.30 18.92
C TRP B 310 17.80 -9.31 18.12
N SER B 311 16.77 -9.84 18.76
CA SER B 311 15.85 -10.72 18.05
C SER B 311 14.85 -9.88 17.25
N SER B 312 14.14 -10.53 16.33
CA SER B 312 13.08 -9.84 15.62
C SER B 312 12.06 -9.24 16.57
N GLU B 313 11.76 -9.95 17.67
CA GLU B 313 10.72 -9.49 18.60
C GLU B 313 11.18 -8.28 19.38
N GLU B 314 12.46 -8.24 19.75
CA GLU B 314 12.99 -7.05 20.42
C GLU B 314 12.96 -5.84 19.49
N LEU B 315 13.39 -6.00 18.23
CA LEU B 315 13.30 -4.90 17.27
C LEU B 315 11.86 -4.45 17.14
N HIS B 316 10.95 -5.40 16.97
CA HIS B 316 9.56 -5.02 16.82
C HIS B 316 9.02 -4.33 18.06
N ALA B 317 9.53 -4.66 19.24
CA ALA B 317 8.99 -4.03 20.45
C ALA B 317 9.44 -2.58 20.56
N LEU B 318 10.70 -2.29 20.24
CA LEU B 318 11.18 -0.91 20.23
C LEU B 318 10.41 -0.06 19.21
N LEU B 319 10.21 -0.59 17.98
CA LEU B 319 9.45 0.18 16.98
C LEU B 319 8.03 0.42 17.48
N ASP B 320 7.42 -0.60 18.10
CA ASP B 320 6.07 -0.44 18.61
C ASP B 320 5.99 0.64 19.69
N GLU B 321 7.10 0.86 20.40
CA GLU B 321 7.11 1.85 21.47
C GLU B 321 7.33 3.26 20.92
N VAL B 322 8.17 3.43 19.89
CA VAL B 322 8.57 4.79 19.47
C VAL B 322 7.86 5.30 18.22
N LEU B 323 7.46 4.42 17.30
CA LEU B 323 6.79 4.90 16.08
C LEU B 323 5.41 5.46 16.41
N PRO B 324 4.94 6.45 15.67
CA PRO B 324 3.57 6.93 15.83
C PRO B 324 2.57 5.79 15.65
N PRO B 325 1.53 5.74 16.49
CA PRO B 325 0.51 4.67 16.38
C PRO B 325 -0.04 4.44 14.99
N ARG B 326 -0.08 5.48 14.14
CA ARG B 326 -0.69 5.32 12.84
C ARG B 326 -0.01 4.26 11.98
N HIS B 327 1.27 3.95 12.22
CA HIS B 327 1.92 2.83 11.53
C HIS B 327 1.10 1.55 11.64
N GLN B 328 0.45 1.32 12.78
CA GLN B 328 -0.38 0.15 12.92
C GLN B 328 -1.50 0.09 11.89
N GLN B 329 -1.91 1.23 11.35
CA GLN B 329 -3.01 1.28 10.42
C GLN B 329 -2.56 1.27 8.96
N LEU B 330 -1.29 1.01 8.69
CA LEU B 330 -0.76 1.02 7.33
C LEU B 330 -0.49 -0.40 6.87
N PHE B 331 -0.84 -0.69 5.63
CA PHE B 331 -0.42 -1.95 5.03
C PHE B 331 0.47 -1.66 3.83
N VAL B 332 1.16 -2.69 3.38
CA VAL B 332 2.22 -2.63 2.39
C VAL B 332 1.87 -3.67 1.34
N THR B 333 1.94 -3.31 0.06
CA THR B 333 1.44 -4.23 -0.95
C THR B 333 2.10 -3.87 -2.28
N PRO B 334 2.18 -4.82 -3.21
CA PRO B 334 2.83 -4.52 -4.50
C PRO B 334 2.06 -3.49 -5.30
N LYS B 335 2.80 -2.64 -6.02
CA LYS B 335 2.18 -1.65 -6.89
C LYS B 335 1.33 -2.32 -7.98
N GLU B 336 1.67 -3.57 -8.35
CA GLU B 336 0.94 -4.32 -9.36
C GLU B 336 -0.13 -5.20 -8.78
N SER B 337 -0.63 -4.87 -7.60
CA SER B 337 -1.45 -5.83 -6.88
C SER B 337 -2.83 -6.00 -7.51
N ASP B 338 -3.27 -5.05 -8.33
CA ASP B 338 -4.56 -5.26 -9.00
C ASP B 338 -4.44 -6.37 -10.03
N ALA B 339 -3.31 -6.45 -10.74
CA ALA B 339 -3.07 -7.55 -11.67
C ALA B 339 -2.99 -8.87 -10.93
N TRP B 340 -2.32 -8.88 -9.77
CA TRP B 340 -2.22 -10.09 -8.95
C TRP B 340 -3.59 -10.58 -8.52
N VAL B 341 -4.48 -9.66 -8.13
CA VAL B 341 -5.81 -10.06 -7.69
C VAL B 341 -6.53 -10.82 -8.79
N ILE B 342 -6.48 -10.29 -10.02
CA ILE B 342 -7.10 -10.93 -11.18
C ILE B 342 -6.52 -12.33 -11.37
N MET B 343 -5.19 -12.42 -11.52
CA MET B 343 -4.54 -13.71 -11.77
C MET B 343 -4.91 -14.75 -10.70
N HIS B 344 -4.81 -14.37 -9.42
CA HIS B 344 -5.08 -15.34 -8.36
C HIS B 344 -6.56 -15.63 -8.22
N ALA B 345 -7.43 -14.64 -8.47
CA ALA B 345 -8.84 -14.91 -8.44
C ALA B 345 -9.23 -15.90 -9.52
N ASP B 346 -8.58 -15.83 -10.67
CA ASP B 346 -8.83 -16.81 -11.72
C ASP B 346 -8.33 -18.19 -11.31
N LEU B 347 -7.10 -18.26 -10.80
CA LEU B 347 -6.51 -19.51 -10.35
C LEU B 347 -7.41 -20.23 -9.35
N ILE B 348 -7.82 -19.54 -8.30
CA ILE B 348 -8.55 -20.16 -7.21
C ILE B 348 -9.93 -20.62 -7.67
N GLN B 349 -10.61 -19.81 -8.47
CA GLN B 349 -11.92 -20.20 -8.97
C GLN B 349 -11.80 -21.44 -9.86
N THR B 350 -10.78 -21.47 -10.71
CA THR B 350 -10.56 -22.60 -11.60
C THR B 350 -10.25 -23.87 -10.82
N GLY B 351 -9.40 -23.77 -9.80
CA GLY B 351 -9.10 -24.92 -8.98
C GLY B 351 -10.33 -25.50 -8.33
N ILE B 352 -11.10 -24.65 -7.63
CA ILE B 352 -12.29 -25.13 -6.92
C ILE B 352 -13.25 -25.82 -7.87
N LEU B 353 -13.39 -25.28 -9.08
CA LEU B 353 -14.41 -25.77 -10.01
C LEU B 353 -13.94 -27.02 -10.74
N ASN B 354 -12.68 -27.03 -11.21
CA ASN B 354 -12.10 -28.26 -11.75
C ASN B 354 -12.18 -29.40 -10.73
N TRP B 355 -11.84 -29.11 -9.48
CA TRP B 355 -11.90 -30.14 -8.44
C TRP B 355 -13.34 -30.57 -8.17
N LEU B 356 -14.28 -29.63 -8.19
CA LEU B 356 -15.66 -30.01 -7.90
C LEU B 356 -16.22 -30.91 -9.00
N GLN B 357 -15.97 -30.59 -10.26
CA GLN B 357 -16.59 -31.37 -11.32
C GLN B 357 -15.83 -32.66 -11.62
N ASP B 358 -14.52 -32.70 -11.36
CA ASP B 358 -13.79 -33.94 -11.58
C ASP B 358 -13.98 -34.93 -10.42
N ASP B 359 -13.90 -34.47 -9.17
CA ASP B 359 -13.75 -35.38 -8.02
C ASP B 359 -14.88 -35.33 -7.01
N VAL B 360 -15.91 -34.52 -7.24
CA VAL B 360 -17.09 -34.53 -6.37
C VAL B 360 -18.38 -34.66 -7.15
N PHE B 361 -18.39 -34.32 -8.43
CA PHE B 361 -19.54 -34.44 -9.31
C PHE B 361 -19.10 -35.19 -10.58
N GLY B 362 -19.58 -34.77 -11.75
CA GLY B 362 -19.15 -35.33 -13.02
C GLY B 362 -19.05 -36.84 -13.15
#